data_2Z26
#
_entry.id   2Z26
#
_cell.length_a   51.493
_cell.length_b   78.885
_cell.length_c   180.091
_cell.angle_alpha   90.00
_cell.angle_beta   90.00
_cell.angle_gamma   90.00
#
_symmetry.space_group_name_H-M   'P 21 21 21'
#
loop_
_entity.id
_entity.type
_entity.pdbx_description
1 polymer Dihydroorotase
2 non-polymer 'ZINC ION'
3 non-polymer '(4S)-2,6-DIOXOHEXAHYDROPYRIMIDINE-4-CARBOXYLIC ACID'
4 non-polymer 'MALONATE ION'
5 non-polymer N-CARBAMOYL-L-ASPARTATE
6 water water
#
_entity_poly.entity_id   1
_entity_poly.type   'polypeptide(L)'
_entity_poly.pdbx_seq_one_letter_code
;TAPSQVLKIRRPDDWHLHLRDGDMLKTVVPYTSEIYGRAIVMPNLAPPVTTVEAAVAYRQRILDAVPAGHDFTPLMTCYL
TDSLDPNELERGFNEGVFTAA(KCX)LYPANATANSSHGVTSVDAIMPVLERMEKIGMPLLVHGEVTHADIDIFDREARF
IESVMEPLRQRLTALKVVFEHITTKDAADYVRDGNERLAATITPQHLMFNRNHMLVGGVRPHLYCLPILKRNIHQQALRE
LVASGFNRVFLGTDSAPHARHRKESSCGCAGCFNAPTALGSYATVFEEMNALQHFEAFCSVNGPQFYGLPVNDTFIELVR
EEQQVAESIALTDDTLVPFLAGETVRWSVKQ
;
_entity_poly.pdbx_strand_id   A,B
#
loop_
_chem_comp.id
_chem_comp.type
_chem_comp.name
_chem_comp.formula
DOR non-polymer '(4S)-2,6-DIOXOHEXAHYDROPYRIMIDINE-4-CARBOXYLIC ACID' 'C5 H6 N2 O4'
MLI non-polymer 'MALONATE ION' 'C3 H2 O4 -2'
NCD non-polymer N-CARBAMOYL-L-ASPARTATE 'C5 H8 N2 O5'
ZN non-polymer 'ZINC ION' 'Zn 2'
#
# COMPACT_ATOMS: atom_id res chain seq x y z
N PRO A 3 16.44 32.68 22.06
CA PRO A 3 15.99 31.47 22.75
C PRO A 3 14.97 30.67 21.93
N SER A 4 15.00 29.35 22.05
CA SER A 4 14.08 28.49 21.33
C SER A 4 12.64 28.76 21.75
N GLN A 5 11.73 28.75 20.78
CA GLN A 5 10.33 29.08 21.03
C GLN A 5 9.66 28.02 21.90
N VAL A 6 8.82 28.49 22.82
CA VAL A 6 8.16 27.62 23.79
C VAL A 6 6.66 27.68 23.58
N LEU A 7 6.03 26.51 23.64
CA LEU A 7 4.60 26.42 23.53
C LEU A 7 4.09 25.77 24.82
N LYS A 8 3.37 26.53 25.63
CA LYS A 8 2.82 26.06 26.88
C LYS A 8 1.36 25.78 26.64
N ILE A 9 0.87 24.62 27.05
CA ILE A 9 -0.53 24.28 26.93
C ILE A 9 -1.02 23.62 28.21
N ARG A 10 -2.32 23.72 28.46
CA ARG A 10 -2.94 22.85 29.45
C ARG A 10 -2.60 21.41 29.10
N ARG A 11 -2.39 20.59 30.11
CA ARG A 11 -1.99 19.22 29.88
C ARG A 11 -3.02 18.54 28.97
N PRO A 12 -2.55 17.86 27.92
CA PRO A 12 -3.46 17.26 26.96
C PRO A 12 -4.04 15.92 27.42
N ASP A 13 -4.98 15.41 26.64
CA ASP A 13 -5.51 14.06 26.83
C ASP A 13 -5.51 13.40 25.45
N ASP A 14 -5.53 12.07 25.42
CA ASP A 14 -5.54 11.30 24.18
C ASP A 14 -6.86 10.57 24.07
N TRP A 15 -7.73 11.03 23.16
CA TRP A 15 -9.08 10.50 23.08
C TRP A 15 -9.19 9.26 22.19
N HIS A 16 -8.07 8.65 21.82
CA HIS A 16 -8.12 7.37 21.11
C HIS A 16 -6.77 6.65 21.21
N LEU A 17 -6.67 5.63 22.08
CA LEU A 17 -5.40 5.00 22.34
C LEU A 17 -5.51 3.50 22.46
N HIS A 18 -4.50 2.80 21.94
CA HIS A 18 -4.34 1.36 22.16
C HIS A 18 -3.14 1.11 23.06
N LEU A 19 -3.40 0.50 24.22
CA LEU A 19 -2.36 0.19 25.17
C LEU A 19 -1.94 -1.28 25.20
N ARG A 20 -2.67 -2.14 24.49
CA ARG A 20 -2.37 -3.56 24.44
C ARG A 20 -2.44 -4.16 25.86
N ASP A 21 -1.70 -5.22 26.11
CA ASP A 21 -1.79 -5.87 27.41
C ASP A 21 -0.44 -6.53 27.72
N GLY A 22 -0.32 -7.14 28.89
CA GLY A 22 0.90 -7.87 29.22
C GLY A 22 2.16 -7.03 29.16
N ASP A 23 3.22 -7.60 28.61
CA ASP A 23 4.52 -6.93 28.57
C ASP A 23 4.50 -5.71 27.65
N MET A 24 3.76 -5.78 26.54
CA MET A 24 3.72 -4.63 25.65
CA MET A 24 3.67 -4.65 25.62
C MET A 24 3.06 -3.44 26.33
N LEU A 25 1.98 -3.67 27.09
CA LEU A 25 1.38 -2.61 27.90
C LEU A 25 2.41 -1.96 28.82
N LYS A 26 3.22 -2.78 29.50
CA LYS A 26 4.20 -2.23 30.41
C LYS A 26 5.19 -1.32 29.67
N THR A 27 5.57 -1.70 28.46
CA THR A 27 6.48 -0.89 27.65
C THR A 27 5.83 0.42 27.18
N VAL A 28 4.58 0.37 26.73
CA VAL A 28 4.02 1.53 26.04
C VAL A 28 3.30 2.52 26.94
N VAL A 29 2.79 2.07 28.09
CA VAL A 29 2.04 3.02 28.93
C VAL A 29 2.84 4.29 29.28
N PRO A 30 4.13 4.17 29.66
CA PRO A 30 4.87 5.38 30.06
C PRO A 30 4.92 6.50 29.03
N TYR A 31 4.87 6.15 27.75
CA TYR A 31 4.90 7.14 26.69
C TYR A 31 3.63 8.00 26.70
N THR A 32 2.53 7.40 27.13
CA THR A 32 1.29 8.13 27.31
C THR A 32 1.24 8.82 28.67
N SER A 33 1.55 8.10 29.73
CA SER A 33 1.28 8.62 31.07
C SER A 33 2.18 9.79 31.44
N GLU A 34 3.34 9.90 30.79
CA GLU A 34 4.25 11.02 31.10
C GLU A 34 3.69 12.36 30.62
N ILE A 35 2.79 12.31 29.63
CA ILE A 35 2.35 13.50 28.90
C ILE A 35 0.87 13.81 29.09
N TYR A 36 0.02 12.79 28.97
CA TYR A 36 -1.41 12.98 28.89
C TYR A 36 -2.06 12.75 30.25
N GLY A 37 -3.07 13.55 30.59
CA GLY A 37 -3.77 13.37 31.86
C GLY A 37 -4.71 12.18 31.84
N ARG A 38 -5.41 12.00 30.73
CA ARG A 38 -6.37 10.92 30.55
C ARG A 38 -6.21 10.39 29.14
N ALA A 39 -6.67 9.16 28.91
CA ALA A 39 -6.78 8.63 27.56
C ALA A 39 -7.97 7.71 27.49
N ILE A 40 -8.62 7.70 26.32
CA ILE A 40 -9.63 6.71 25.98
C ILE A 40 -8.90 5.46 25.53
N VAL A 41 -9.05 4.39 26.32
CA VAL A 41 -8.35 3.15 26.11
C VAL A 41 -9.26 2.18 25.36
N MET A 42 -8.88 1.87 24.14
CA MET A 42 -9.72 1.06 23.28
C MET A 42 -9.78 -0.40 23.74
N PRO A 43 -10.82 -1.12 23.33
CA PRO A 43 -11.12 -2.41 23.94
C PRO A 43 -10.78 -3.64 23.13
N ASN A 44 -10.01 -3.46 22.06
CA ASN A 44 -9.73 -4.53 21.11
C ASN A 44 -8.57 -5.43 21.53
N LEU A 45 -8.63 -5.93 22.75
CA LEU A 45 -7.74 -6.98 23.23
C LEU A 45 -8.19 -8.31 22.65
N ALA A 46 -7.36 -9.33 22.87
CA ALA A 46 -7.65 -10.70 22.44
C ALA A 46 -7.71 -11.60 23.69
N PRO A 47 -8.92 -11.88 24.22
CA PRO A 47 -10.24 -11.48 23.74
C PRO A 47 -10.65 -10.06 24.15
N PRO A 48 -11.64 -9.50 23.45
CA PRO A 48 -11.95 -8.11 23.68
C PRO A 48 -12.60 -7.82 25.02
N VAL A 49 -12.53 -6.57 25.43
CA VAL A 49 -13.15 -6.11 26.66
C VAL A 49 -14.64 -5.88 26.42
N THR A 50 -15.49 -6.79 26.90
CA THR A 50 -16.92 -6.76 26.62
C THR A 50 -17.75 -6.90 27.90
N THR A 51 -17.11 -6.79 29.06
CA THR A 51 -17.77 -6.92 30.34
C THR A 51 -17.19 -5.92 31.35
N VAL A 52 -17.99 -5.57 32.34
CA VAL A 52 -17.52 -4.67 33.39
C VAL A 52 -16.30 -5.27 34.12
N GLU A 53 -16.38 -6.56 34.46
CA GLU A 53 -15.29 -7.20 35.20
C GLU A 53 -13.98 -7.15 34.42
N ALA A 54 -14.04 -7.41 33.11
CA ALA A 54 -12.82 -7.36 32.29
C ALA A 54 -12.24 -5.94 32.23
N ALA A 55 -13.11 -4.95 32.16
CA ALA A 55 -12.66 -3.55 32.10
C ALA A 55 -12.02 -3.09 33.39
N VAL A 56 -12.59 -3.52 34.52
CA VAL A 56 -12.02 -3.21 35.82
C VAL A 56 -10.64 -3.82 35.95
N ALA A 57 -10.50 -5.08 35.58
CA ALA A 57 -9.20 -5.76 35.69
C ALA A 57 -8.17 -5.12 34.74
N TYR A 58 -8.57 -4.80 33.52
CA TYR A 58 -7.66 -4.17 32.57
C TYR A 58 -7.23 -2.80 33.06
N ARG A 59 -8.18 -2.01 33.57
CA ARG A 59 -7.85 -0.72 34.15
C ARG A 59 -6.78 -0.85 35.23
N GLN A 60 -6.90 -1.86 36.07
CA GLN A 60 -5.89 -2.05 37.11
C GLN A 60 -4.52 -2.47 36.55
N ARG A 61 -4.50 -3.31 35.51
CA ARG A 61 -3.22 -3.62 34.87
C ARG A 61 -2.57 -2.37 34.29
N ILE A 62 -3.38 -1.48 33.72
CA ILE A 62 -2.84 -0.24 33.18
C ILE A 62 -2.26 0.60 34.34
N LEU A 63 -3.03 0.77 35.40
CA LEU A 63 -2.54 1.57 36.55
C LEU A 63 -1.26 0.99 37.16
N ASP A 64 -1.15 -0.35 37.21
CA ASP A 64 0.07 -1.01 37.69
C ASP A 64 1.30 -0.60 36.89
N ALA A 65 1.11 -0.34 35.59
CA ALA A 65 2.22 -0.05 34.70
C ALA A 65 2.56 1.44 34.61
N VAL A 66 1.81 2.30 35.29
CA VAL A 66 2.09 3.74 35.24
C VAL A 66 3.28 4.05 36.18
N PRO A 67 4.34 4.67 35.66
CA PRO A 67 5.48 5.06 36.50
C PRO A 67 5.09 5.91 37.67
N ALA A 68 5.82 5.75 38.78
CA ALA A 68 5.57 6.53 39.98
C ALA A 68 5.60 8.02 39.67
N GLY A 69 4.53 8.71 40.06
CA GLY A 69 4.50 10.16 39.95
C GLY A 69 3.70 10.67 38.77
N HIS A 70 3.43 9.82 37.80
CA HIS A 70 2.63 10.24 36.63
C HIS A 70 1.17 10.29 37.05
N ASP A 71 0.50 11.39 36.74
CA ASP A 71 -0.91 11.52 37.05
C ASP A 71 -1.67 11.19 35.78
N PHE A 72 -2.01 9.91 35.65
CA PHE A 72 -2.65 9.40 34.42
C PHE A 72 -3.87 8.57 34.78
N THR A 73 -5.00 8.85 34.13
CA THR A 73 -6.23 8.09 34.34
C THR A 73 -6.71 7.48 33.03
N PRO A 74 -6.74 6.13 32.95
CA PRO A 74 -7.31 5.50 31.76
C PRO A 74 -8.85 5.56 31.82
N LEU A 75 -9.46 5.95 30.71
CA LEU A 75 -10.91 5.97 30.57
C LEU A 75 -11.28 4.76 29.68
N MET A 76 -12.01 3.82 30.26
CA MET A 76 -12.22 2.51 29.62
C MET A 76 -13.39 2.53 28.67
N THR A 77 -13.34 1.59 27.74
CA THR A 77 -14.39 1.42 26.76
C THR A 77 -14.83 -0.03 26.68
N CYS A 78 -16.05 -0.21 26.19
CA CYS A 78 -16.61 -1.53 25.90
C CYS A 78 -16.60 -1.77 24.40
N TYR A 79 -16.18 -2.96 23.99
CA TYR A 79 -16.25 -3.37 22.59
C TYR A 79 -17.67 -3.81 22.31
N LEU A 80 -18.34 -3.17 21.36
CA LEU A 80 -19.71 -3.60 21.03
C LEU A 80 -19.68 -4.91 20.24
N THR A 81 -20.55 -5.86 20.63
CA THR A 81 -20.66 -7.15 19.96
C THR A 81 -22.14 -7.50 19.85
N ASP A 82 -22.48 -8.46 18.99
CA ASP A 82 -23.88 -8.89 18.88
C ASP A 82 -24.43 -9.42 20.21
N SER A 83 -23.61 -10.13 20.98
CA SER A 83 -24.06 -10.81 22.20
C SER A 83 -24.05 -9.94 23.45
N LEU A 84 -23.47 -8.74 23.37
CA LEU A 84 -23.41 -7.85 24.52
C LEU A 84 -24.80 -7.54 25.05
N ASP A 85 -24.97 -7.70 26.35
CA ASP A 85 -26.22 -7.41 27.04
C ASP A 85 -26.30 -5.89 27.29
N PRO A 86 -27.34 -5.22 26.79
CA PRO A 86 -27.46 -3.79 27.08
C PRO A 86 -27.40 -3.45 28.58
N ASN A 87 -27.90 -4.36 29.43
CA ASN A 87 -27.80 -4.15 30.89
C ASN A 87 -26.37 -4.14 31.39
N GLU A 88 -25.51 -4.93 30.78
CA GLU A 88 -24.10 -4.98 31.15
C GLU A 88 -23.42 -3.65 30.81
N LEU A 89 -23.70 -3.15 29.59
CA LEU A 89 -23.14 -1.88 29.14
C LEU A 89 -23.62 -0.73 30.04
N GLU A 90 -24.91 -0.71 30.35
CA GLU A 90 -25.47 0.36 31.18
C GLU A 90 -24.88 0.32 32.59
N ARG A 91 -24.77 -0.86 33.17
CA ARG A 91 -24.17 -0.98 34.50
C ARG A 91 -22.76 -0.43 34.51
N GLY A 92 -21.97 -0.81 33.51
CA GLY A 92 -20.62 -0.29 33.44
C GLY A 92 -20.55 1.22 33.30
N PHE A 93 -21.45 1.80 32.52
CA PHE A 93 -21.53 3.25 32.37
C PHE A 93 -21.92 3.88 33.70
N ASN A 94 -22.94 3.32 34.35
CA ASN A 94 -23.43 3.89 35.62
C ASN A 94 -22.38 3.84 36.71
N GLU A 95 -21.55 2.80 36.71
CA GLU A 95 -20.50 2.64 37.70
C GLU A 95 -19.22 3.39 37.40
N GLY A 96 -19.17 4.11 36.28
CA GLY A 96 -18.00 4.89 35.90
C GLY A 96 -16.88 4.04 35.35
N VAL A 97 -17.18 2.78 35.03
CA VAL A 97 -16.19 1.89 34.46
C VAL A 97 -16.02 2.18 32.96
N PHE A 98 -17.13 2.15 32.23
CA PHE A 98 -17.10 2.47 30.80
C PHE A 98 -17.41 3.97 30.59
N THR A 99 -16.46 4.69 29.99
CA THR A 99 -16.66 6.06 29.58
C THR A 99 -17.41 6.12 28.24
N ALA A 100 -17.22 5.10 27.39
CA ALA A 100 -17.83 5.08 26.07
C ALA A 100 -17.85 3.65 25.58
N ALA A 101 -18.51 3.41 24.45
CA ALA A 101 -18.45 2.11 23.80
C ALA A 101 -17.96 2.32 22.39
N KCX A 102 -17.26 1.30 21.86
CA KCX A 102 -16.61 1.38 20.56
CB KCX A 102 -15.13 1.05 20.75
CG KCX A 102 -14.29 1.03 19.45
CD KCX A 102 -14.15 2.42 18.83
CE KCX A 102 -13.24 2.49 17.62
NZ KCX A 102 -11.88 2.12 18.01
C KCX A 102 -17.25 0.40 19.60
O KCX A 102 -17.39 -0.79 19.89
CX KCX A 102 -10.90 2.03 17.13
OQ1 KCX A 102 -9.79 1.58 17.56
OQ2 KCX A 102 -11.12 2.39 15.94
N LEU A 103 -17.60 0.92 18.43
CA LEU A 103 -18.16 0.11 17.35
C LEU A 103 -17.13 -0.03 16.23
N TYR A 104 -16.65 -1.27 16.05
CA TYR A 104 -15.77 -1.61 14.94
C TYR A 104 -16.62 -2.03 13.72
N PRO A 105 -16.01 -2.04 12.51
CA PRO A 105 -16.78 -2.40 11.31
C PRO A 105 -17.56 -3.71 11.45
N ALA A 106 -18.75 -3.74 10.87
CA ALA A 106 -19.60 -4.89 10.91
C ALA A 106 -19.13 -5.92 9.90
N ASN A 107 -19.37 -7.18 10.19
CA ASN A 107 -19.06 -8.26 9.28
C ASN A 107 -19.99 -9.42 9.60
N ALA A 108 -20.68 -9.94 8.58
CA ALA A 108 -21.68 -11.00 8.78
C ALA A 108 -21.07 -12.26 9.38
N THR A 109 -19.77 -12.47 9.19
CA THR A 109 -19.08 -13.65 9.70
C THR A 109 -18.50 -13.46 11.10
N ALA A 110 -18.71 -12.30 11.73
CA ALA A 110 -18.16 -12.07 13.06
C ALA A 110 -18.73 -13.05 14.07
N ASN A 111 -17.88 -13.55 14.97
CA ASN A 111 -18.35 -14.31 16.11
C ASN A 111 -19.10 -13.34 17.02
N SER A 112 -20.26 -13.75 17.53
CA SER A 112 -21.08 -12.85 18.34
C SER A 112 -20.38 -12.41 19.62
N SER A 113 -19.36 -13.15 20.04
CA SER A 113 -18.54 -12.84 21.23
C SER A 113 -17.46 -11.78 20.95
N HIS A 114 -17.18 -11.52 19.68
CA HIS A 114 -16.02 -10.73 19.27
C HIS A 114 -16.37 -9.53 18.41
N GLY A 115 -17.59 -9.44 17.88
CA GLY A 115 -17.92 -8.35 16.98
C GLY A 115 -19.38 -8.28 16.60
N VAL A 116 -19.66 -7.36 15.68
CA VAL A 116 -21.01 -7.05 15.23
C VAL A 116 -21.23 -7.54 13.82
N THR A 117 -22.37 -8.21 13.60
CA THR A 117 -22.65 -8.76 12.26
C THR A 117 -23.24 -7.70 11.33
N SER A 118 -24.11 -6.87 11.88
CA SER A 118 -24.69 -5.74 11.19
C SER A 118 -25.12 -4.72 12.26
N VAL A 119 -25.13 -3.45 11.91
CA VAL A 119 -25.52 -2.45 12.88
C VAL A 119 -26.99 -2.60 13.28
N ASP A 120 -27.86 -2.98 12.35
CA ASP A 120 -29.25 -3.19 12.73
C ASP A 120 -29.37 -4.20 13.87
N ALA A 121 -28.50 -5.21 13.89
CA ALA A 121 -28.58 -6.27 14.87
C ALA A 121 -28.27 -5.83 16.30
N ILE A 122 -27.59 -4.69 16.45
CA ILE A 122 -27.26 -4.20 17.79
C ILE A 122 -28.03 -2.93 18.18
N MET A 123 -29.16 -2.74 17.55
CA MET A 123 -29.98 -1.58 17.88
C MET A 123 -30.43 -1.55 19.34
N PRO A 124 -30.70 -2.72 19.95
CA PRO A 124 -31.02 -2.64 21.38
C PRO A 124 -29.91 -1.98 22.22
N VAL A 125 -28.65 -2.32 21.99
CA VAL A 125 -27.59 -1.69 22.78
C VAL A 125 -27.41 -0.20 22.41
N LEU A 126 -27.54 0.12 21.13
CA LEU A 126 -27.40 1.49 20.67
C LEU A 126 -28.52 2.38 21.25
N GLU A 127 -29.74 1.87 21.25
CA GLU A 127 -30.85 2.58 21.87
C GLU A 127 -30.58 2.85 23.36
N ARG A 128 -30.00 1.86 24.02
CA ARG A 128 -29.65 2.01 25.44
C ARG A 128 -28.62 3.13 25.64
N MET A 129 -27.59 3.14 24.80
CA MET A 129 -26.60 4.22 24.86
C MET A 129 -27.23 5.59 24.66
N GLU A 130 -28.12 5.69 23.68
CA GLU A 130 -28.83 6.93 23.45
C GLU A 130 -29.62 7.37 24.69
N LYS A 131 -30.35 6.43 25.28
CA LYS A 131 -31.21 6.72 26.43
C LYS A 131 -30.40 7.28 27.61
N ILE A 132 -29.23 6.69 27.85
CA ILE A 132 -28.43 7.00 29.03
C ILE A 132 -27.36 8.08 28.83
N GLY A 133 -27.20 8.53 27.60
CA GLY A 133 -26.22 9.57 27.30
C GLY A 133 -24.78 9.09 27.17
N MET A 134 -24.59 7.83 26.81
CA MET A 134 -23.25 7.26 26.67
C MET A 134 -22.77 7.47 25.23
N PRO A 135 -21.59 8.08 25.05
CA PRO A 135 -21.11 8.32 23.71
C PRO A 135 -20.67 7.07 22.98
N LEU A 136 -20.96 7.06 21.69
CA LEU A 136 -20.54 5.98 20.80
C LEU A 136 -19.34 6.43 19.99
N LEU A 137 -18.26 5.64 20.05
CA LEU A 137 -17.05 5.89 19.27
C LEU A 137 -17.10 4.94 18.09
N VAL A 138 -16.95 5.46 16.88
CA VAL A 138 -17.13 4.71 15.66
CA VAL A 138 -17.06 4.61 15.70
C VAL A 138 -15.82 4.61 14.84
N HIS A 139 -15.38 3.39 14.51
CA HIS A 139 -14.42 3.19 13.46
C HIS A 139 -15.27 3.02 12.19
N GLY A 140 -15.42 4.10 11.45
CA GLY A 140 -16.41 4.20 10.41
C GLY A 140 -15.91 3.75 9.06
N GLU A 141 -15.87 2.43 8.87
CA GLU A 141 -15.58 1.82 7.56
C GLU A 141 -16.55 0.68 7.33
N VAL A 142 -16.95 0.47 6.08
CA VAL A 142 -17.68 -0.73 5.66
C VAL A 142 -16.68 -1.63 5.01
N THR A 143 -16.69 -2.91 5.37
CA THR A 143 -15.59 -3.80 4.99
C THR A 143 -16.02 -4.90 4.00
N HIS A 144 -17.06 -4.64 3.22
CA HIS A 144 -17.46 -5.59 2.19
C HIS A 144 -16.37 -5.77 1.15
N ALA A 145 -16.20 -7.00 0.69
CA ALA A 145 -15.09 -7.36 -0.17
C ALA A 145 -15.07 -6.57 -1.49
N ASP A 146 -16.25 -6.18 -1.98
CA ASP A 146 -16.36 -5.46 -3.25
C ASP A 146 -16.24 -3.93 -3.13
N ILE A 147 -15.91 -3.44 -1.94
CA ILE A 147 -15.66 -2.01 -1.80
C ILE A 147 -14.15 -1.76 -1.74
N ASP A 148 -13.66 -0.88 -2.61
CA ASP A 148 -12.25 -0.54 -2.63
C ASP A 148 -11.86 0.06 -1.28
N ILE A 149 -10.68 -0.31 -0.81
CA ILE A 149 -10.27 0.08 0.54
C ILE A 149 -10.28 1.60 0.74
N PHE A 150 -9.92 2.35 -0.30
CA PHE A 150 -9.90 3.81 -0.19
C PHE A 150 -11.28 4.45 -0.11
N ASP A 151 -12.32 3.68 -0.47
CA ASP A 151 -13.71 4.15 -0.46
C ASP A 151 -14.49 3.77 0.82
N ARG A 152 -13.87 3.00 1.71
CA ARG A 152 -14.65 2.35 2.76
C ARG A 152 -15.16 3.33 3.82
N GLU A 153 -14.42 4.42 4.06
CA GLU A 153 -14.87 5.45 4.99
C GLU A 153 -16.05 6.23 4.42
N ALA A 154 -15.93 6.68 3.17
CA ALA A 154 -17.02 7.44 2.55
C ALA A 154 -18.29 6.58 2.47
N ARG A 155 -18.15 5.31 2.17
CA ARG A 155 -19.29 4.44 2.10
C ARG A 155 -19.98 4.28 3.45
N PHE A 156 -19.20 4.24 4.52
CA PHE A 156 -19.77 4.16 5.85
C PHE A 156 -20.65 5.35 6.19
N ILE A 157 -20.23 6.53 5.76
CA ILE A 157 -21.00 7.74 6.05
C ILE A 157 -22.42 7.59 5.50
N GLU A 158 -22.50 7.15 4.24
CA GLU A 158 -23.78 7.02 3.56
C GLU A 158 -24.65 5.86 4.06
N SER A 159 -24.03 4.71 4.27
CA SER A 159 -24.78 3.50 4.54
C SER A 159 -25.01 3.25 6.02
N VAL A 160 -24.21 3.84 6.90
CA VAL A 160 -24.34 3.56 8.33
C VAL A 160 -24.50 4.82 9.14
N MET A 161 -23.57 5.75 9.02
CA MET A 161 -23.51 6.86 9.95
C MET A 161 -24.76 7.72 9.87
N GLU A 162 -25.10 8.16 8.67
CA GLU A 162 -26.25 9.05 8.54
C GLU A 162 -27.57 8.35 8.91
N PRO A 163 -27.82 7.13 8.39
CA PRO A 163 -29.04 6.44 8.87
C PRO A 163 -29.10 6.21 10.38
N LEU A 164 -27.97 5.88 11.02
CA LEU A 164 -27.96 5.64 12.47
C LEU A 164 -28.33 6.91 13.23
N ARG A 165 -27.75 8.03 12.82
CA ARG A 165 -27.98 9.30 13.50
C ARG A 165 -29.38 9.82 13.25
N GLN A 166 -29.95 9.50 12.09
CA GLN A 166 -31.39 9.74 11.85
C GLN A 166 -32.35 8.85 12.67
N ARG A 167 -31.93 7.63 12.95
CA ARG A 167 -32.73 6.67 13.71
C ARG A 167 -32.74 6.99 15.21
N LEU A 168 -31.58 7.38 15.72
CA LEU A 168 -31.34 7.68 17.11
C LEU A 168 -30.85 9.12 17.23
N THR A 169 -31.80 10.04 17.26
CA THR A 169 -31.46 11.45 17.14
C THR A 169 -30.76 12.06 18.38
N ALA A 170 -30.74 11.36 19.50
CA ALA A 170 -30.08 11.87 20.70
C ALA A 170 -28.71 11.23 20.93
N LEU A 171 -28.33 10.28 20.08
CA LEU A 171 -27.07 9.56 20.25
C LEU A 171 -25.88 10.48 20.00
N LYS A 172 -24.91 10.47 20.92
CA LYS A 172 -23.67 11.22 20.74
C LYS A 172 -22.62 10.32 20.14
N VAL A 173 -21.93 10.81 19.11
CA VAL A 173 -21.04 9.99 18.32
C VAL A 173 -19.73 10.70 18.10
N VAL A 174 -18.61 9.99 18.30
CA VAL A 174 -17.30 10.45 17.85
C VAL A 174 -16.93 9.60 16.62
N PHE A 175 -16.74 10.28 15.50
CA PHE A 175 -16.24 9.66 14.29
C PHE A 175 -14.72 9.60 14.46
N GLU A 176 -14.21 8.42 14.81
CA GLU A 176 -12.82 8.29 15.15
C GLU A 176 -11.96 8.41 13.93
N HIS A 177 -10.74 8.86 14.16
CA HIS A 177 -9.67 8.92 13.17
C HIS A 177 -10.17 9.14 11.76
N ILE A 178 -10.73 10.32 11.50
CA ILE A 178 -11.23 10.58 10.18
C ILE A 178 -10.06 10.81 9.21
N THR A 179 -10.27 10.43 7.96
CA THR A 179 -9.19 10.39 6.98
C THR A 179 -9.51 10.99 5.63
N THR A 180 -10.75 11.47 5.47
CA THR A 180 -11.26 11.92 4.18
C THR A 180 -11.89 13.29 4.26
N LYS A 181 -11.91 13.96 3.11
CA LYS A 181 -12.69 15.19 2.97
C LYS A 181 -14.17 14.90 3.21
N ASP A 182 -14.62 13.73 2.77
CA ASP A 182 -16.00 13.33 3.00
C ASP A 182 -16.37 13.42 4.48
N ALA A 183 -15.50 12.86 5.33
CA ALA A 183 -15.75 12.84 6.76
C ALA A 183 -15.56 14.21 7.38
N ALA A 184 -14.54 14.93 6.91
CA ALA A 184 -14.28 16.28 7.43
C ALA A 184 -15.50 17.18 7.21
N ASP A 185 -16.05 17.14 6.01
CA ASP A 185 -17.22 17.95 5.66
C ASP A 185 -18.45 17.49 6.45
N TYR A 186 -18.64 16.18 6.57
CA TYR A 186 -19.78 15.63 7.31
C TYR A 186 -19.74 16.09 8.76
N VAL A 187 -18.56 16.01 9.37
CA VAL A 187 -18.41 16.42 10.75
C VAL A 187 -18.57 17.94 10.90
N ARG A 188 -17.95 18.70 9.99
CA ARG A 188 -18.08 20.16 10.01
C ARG A 188 -19.55 20.61 9.96
N ASP A 189 -20.37 19.88 9.21
CA ASP A 189 -21.77 20.25 8.97
C ASP A 189 -22.75 19.59 9.94
N GLY A 190 -22.22 18.85 10.93
CA GLY A 190 -23.06 18.13 11.88
C GLY A 190 -23.47 18.98 13.06
N ASN A 191 -24.17 18.36 13.98
CA ASN A 191 -24.69 19.07 15.16
C ASN A 191 -23.77 18.82 16.36
N GLU A 192 -24.18 19.34 17.52
CA GLU A 192 -23.36 19.27 18.72
CA GLU A 192 -23.40 19.29 18.74
C GLU A 192 -23.21 17.86 19.29
N ARG A 193 -23.93 16.91 18.72
CA ARG A 193 -23.83 15.50 19.12
C ARG A 193 -22.82 14.71 18.27
N LEU A 194 -22.12 15.39 17.36
CA LEU A 194 -21.15 14.72 16.47
C LEU A 194 -19.78 15.36 16.59
N ALA A 195 -18.75 14.55 16.86
CA ALA A 195 -17.39 15.02 16.94
C ALA A 195 -16.49 14.06 16.16
N ALA A 196 -15.19 14.35 16.12
CA ALA A 196 -14.20 13.52 15.46
C ALA A 196 -12.86 13.62 16.15
N THR A 197 -12.04 12.56 15.99
CA THR A 197 -10.63 12.64 16.30
C THR A 197 -9.81 12.49 15.03
N ILE A 198 -8.59 13.03 15.06
CA ILE A 198 -7.65 12.93 13.93
C ILE A 198 -6.28 12.58 14.48
N THR A 199 -5.62 11.62 13.82
CA THR A 199 -4.28 11.15 14.19
C THR A 199 -3.20 12.08 13.65
N PRO A 200 -1.98 11.98 14.18
CA PRO A 200 -0.91 12.78 13.57
C PRO A 200 -0.53 12.32 12.16
N GLN A 201 -0.55 11.02 11.90
CA GLN A 201 -0.15 10.54 10.58
C GLN A 201 -1.09 11.00 9.48
N HIS A 202 -2.39 11.09 9.75
CA HIS A 202 -3.33 11.48 8.71
C HIS A 202 -3.28 12.99 8.44
N LEU A 203 -2.71 13.75 9.37
CA LEU A 203 -2.43 15.16 9.11
C LEU A 203 -1.08 15.37 8.38
N MET A 204 -0.08 14.59 8.74
CA MET A 204 1.29 14.76 8.24
CA MET A 204 1.26 14.80 8.21
C MET A 204 1.53 14.17 6.86
N PHE A 205 0.84 13.08 6.55
CA PHE A 205 1.16 12.27 5.39
C PHE A 205 -0.07 11.97 4.55
N ASN A 206 0.17 11.48 3.34
CA ASN A 206 -0.87 10.91 2.50
C ASN A 206 -0.34 9.59 1.95
N ARG A 207 -1.14 8.90 1.14
CA ARG A 207 -0.76 7.59 0.67
C ARG A 207 0.55 7.56 -0.13
N ASN A 208 0.92 8.66 -0.77
CA ASN A 208 2.20 8.68 -1.47
C ASN A 208 3.37 8.40 -0.51
N HIS A 209 3.27 8.89 0.71
CA HIS A 209 4.36 8.68 1.66
C HIS A 209 4.53 7.21 2.03
N MET A 210 3.44 6.47 1.94
CA MET A 210 3.44 5.04 2.24
C MET A 210 3.89 4.17 1.07
N LEU A 211 3.80 4.68 -0.16
CA LEU A 211 3.94 3.84 -1.35
C LEU A 211 4.94 4.30 -2.40
N VAL A 212 5.34 5.57 -2.40
CA VAL A 212 6.30 6.05 -3.42
C VAL A 212 7.72 5.80 -2.93
N GLY A 213 8.53 5.10 -3.74
CA GLY A 213 9.92 4.82 -3.40
C GLY A 213 10.13 3.57 -2.59
N GLY A 214 9.05 2.88 -2.26
CA GLY A 214 9.05 1.68 -1.45
C GLY A 214 7.77 1.60 -0.68
N VAL A 215 7.44 0.42 -0.19
CA VAL A 215 6.25 0.27 0.65
C VAL A 215 6.68 0.39 2.11
N ARG A 216 6.00 1.27 2.83
CA ARG A 216 6.42 1.61 4.19
C ARG A 216 5.39 1.12 5.21
N PRO A 217 5.56 -0.10 5.75
CA PRO A 217 4.54 -0.64 6.63
C PRO A 217 4.33 0.13 7.92
N HIS A 218 5.32 0.90 8.36
CA HIS A 218 5.13 1.69 9.57
C HIS A 218 4.16 2.87 9.36
N LEU A 219 3.85 3.20 8.09
CA LEU A 219 2.78 4.13 7.78
C LEU A 219 1.47 3.46 7.40
N TYR A 220 1.43 2.13 7.42
CA TYR A 220 0.23 1.37 7.13
C TYR A 220 -0.60 1.26 8.43
N CYS A 221 -1.84 1.74 8.33
CA CYS A 221 -2.80 1.78 9.42
C CYS A 221 -4.20 1.85 8.81
N LEU A 222 -5.21 1.56 9.64
CA LEU A 222 -6.60 1.71 9.23
C LEU A 222 -7.22 2.85 10.03
N PRO A 223 -8.02 3.70 9.38
CA PRO A 223 -8.32 3.71 7.95
C PRO A 223 -7.07 4.10 7.18
N ILE A 224 -6.92 3.55 5.99
CA ILE A 224 -5.72 3.75 5.19
C ILE A 224 -5.50 5.21 4.84
N LEU A 225 -4.23 5.62 4.79
CA LEU A 225 -3.89 6.94 4.29
C LEU A 225 -4.51 7.16 2.92
N LYS A 226 -5.06 8.35 2.70
CA LYS A 226 -5.80 8.67 1.50
C LYS A 226 -5.01 9.59 0.58
N ARG A 227 -5.60 9.96 -0.56
CA ARG A 227 -4.90 10.92 -1.43
C ARG A 227 -4.74 12.29 -0.78
N ASN A 228 -3.78 13.06 -1.30
CA ASN A 228 -3.44 14.38 -0.77
C ASN A 228 -4.63 15.30 -0.54
N ILE A 229 -5.64 15.25 -1.43
CA ILE A 229 -6.78 16.16 -1.25
C ILE A 229 -7.48 15.91 0.08
N HIS A 230 -7.45 14.68 0.54
CA HIS A 230 -8.07 14.33 1.82
C HIS A 230 -7.23 14.83 2.99
N GLN A 231 -5.92 14.60 2.91
CA GLN A 231 -4.98 15.13 3.88
C GLN A 231 -5.17 16.62 4.05
N GLN A 232 -5.25 17.34 2.92
CA GLN A 232 -5.41 18.79 3.01
C GLN A 232 -6.71 19.21 3.70
N ALA A 233 -7.79 18.48 3.44
CA ALA A 233 -9.07 18.75 4.08
C ALA A 233 -9.00 18.60 5.59
N LEU A 234 -8.28 17.57 6.04
CA LEU A 234 -8.10 17.34 7.46
C LEU A 234 -7.29 18.45 8.11
N ARG A 235 -6.22 18.86 7.44
CA ARG A 235 -5.39 19.95 7.93
C ARG A 235 -6.19 21.24 8.06
N GLU A 236 -7.00 21.52 7.04
CA GLU A 236 -7.83 22.72 7.05
C GLU A 236 -8.88 22.67 8.16
N LEU A 237 -9.45 21.49 8.40
CA LEU A 237 -10.44 21.36 9.45
C LEU A 237 -9.83 21.68 10.83
N VAL A 238 -8.67 21.12 11.16
CA VAL A 238 -8.10 21.41 12.48
C VAL A 238 -7.66 22.87 12.57
N ALA A 239 -7.16 23.42 11.46
CA ALA A 239 -6.63 24.78 11.43
C ALA A 239 -7.73 25.83 11.49
N SER A 240 -8.96 25.44 11.16
CA SER A 240 -10.09 26.36 11.17
C SER A 240 -10.55 26.79 12.56
N GLY A 241 -10.17 26.02 13.57
CA GLY A 241 -10.64 26.23 14.92
C GLY A 241 -11.95 25.51 15.27
N PHE A 242 -12.51 24.75 14.34
CA PHE A 242 -13.70 23.95 14.58
C PHE A 242 -13.51 23.18 15.88
N ASN A 243 -14.50 23.27 16.77
CA ASN A 243 -14.29 22.86 18.15
C ASN A 243 -14.84 21.49 18.53
N ARG A 244 -15.29 20.71 17.54
CA ARG A 244 -15.67 19.32 17.76
C ARG A 244 -14.75 18.33 17.04
N VAL A 245 -13.50 18.76 16.86
CA VAL A 245 -12.41 17.85 16.51
CA VAL A 245 -12.41 17.85 16.51
C VAL A 245 -11.35 17.94 17.61
N PHE A 246 -10.75 16.81 17.95
CA PHE A 246 -9.81 16.78 19.04
C PHE A 246 -8.80 15.66 18.90
N LEU A 247 -7.76 15.74 19.73
CA LEU A 247 -6.60 14.86 19.68
C LEU A 247 -7.01 13.41 19.99
N GLY A 248 -6.70 12.52 19.06
CA GLY A 248 -6.81 11.08 19.27
C GLY A 248 -5.71 10.46 18.46
N THR A 249 -4.70 9.91 19.12
CA THR A 249 -3.51 9.47 18.40
C THR A 249 -3.74 8.25 17.54
N ASP A 250 -4.63 7.37 18.00
CA ASP A 250 -4.71 6.00 17.53
C ASP A 250 -3.33 5.32 17.59
N SER A 251 -2.54 5.63 18.62
CA SER A 251 -1.29 4.93 18.79
C SER A 251 -1.62 3.44 18.92
N ALA A 252 -1.00 2.63 18.07
CA ALA A 252 -1.43 1.26 17.84
C ALA A 252 -0.19 0.39 17.60
N PRO A 253 0.51 0.03 18.70
CA PRO A 253 1.82 -0.61 18.59
C PRO A 253 1.76 -2.07 18.20
N HIS A 254 2.70 -2.45 17.34
CA HIS A 254 2.96 -3.81 16.98
C HIS A 254 4.47 -4.00 16.95
N ALA A 255 4.92 -5.18 17.35
CA ALA A 255 6.33 -5.53 17.26
C ALA A 255 6.84 -5.39 15.83
N ARG A 256 8.12 -5.04 15.70
CA ARG A 256 8.75 -4.82 14.42
C ARG A 256 8.54 -6.01 13.49
N HIS A 257 8.70 -7.23 13.99
CA HIS A 257 8.54 -8.41 13.14
C HIS A 257 7.12 -8.63 12.63
N ARG A 258 6.15 -8.04 13.30
CA ARG A 258 4.75 -8.10 12.89
C ARG A 258 4.39 -7.00 11.90
N LYS A 259 5.15 -5.93 11.88
CA LYS A 259 5.04 -4.86 10.92
C LYS A 259 5.75 -5.14 9.61
N GLU A 260 6.97 -5.64 9.72
CA GLU A 260 7.89 -5.88 8.60
C GLU A 260 7.85 -7.36 8.28
N SER A 261 6.73 -7.81 7.75
CA SER A 261 6.44 -9.21 7.45
C SER A 261 5.72 -9.31 6.10
N SER A 262 5.40 -10.53 5.71
CA SER A 262 4.63 -10.77 4.49
C SER A 262 3.19 -10.25 4.58
N CYS A 263 2.70 -9.97 5.78
CA CYS A 263 1.35 -9.42 5.97
C CYS A 263 1.40 -8.52 7.18
N GLY A 264 1.84 -7.30 6.95
CA GLY A 264 2.13 -6.39 8.02
C GLY A 264 0.87 -5.90 8.70
N CYS A 265 0.91 -5.86 10.02
CA CYS A 265 -0.20 -5.37 10.80
C CYS A 265 -0.39 -3.87 10.65
N ALA A 266 -1.65 -3.44 10.75
CA ALA A 266 -2.02 -2.04 10.67
C ALA A 266 -1.85 -1.34 12.01
N GLY A 267 -1.17 -0.20 12.00
CA GLY A 267 -1.11 0.67 13.15
C GLY A 267 0.24 1.35 13.30
N CYS A 268 0.20 2.62 13.73
CA CYS A 268 1.38 3.43 13.96
C CYS A 268 1.61 3.60 15.46
N PHE A 269 2.82 3.33 15.94
CA PHE A 269 3.14 3.57 17.35
C PHE A 269 3.61 5.01 17.51
N ASN A 270 2.63 5.89 17.65
CA ASN A 270 2.91 7.32 17.62
C ASN A 270 2.82 8.03 18.97
N ALA A 271 2.53 7.29 20.05
CA ALA A 271 2.49 7.95 21.34
C ALA A 271 3.78 8.73 21.67
N PRO A 272 4.98 8.19 21.33
CA PRO A 272 6.21 8.94 21.67
C PRO A 272 6.35 10.30 20.99
N THR A 273 5.76 10.47 19.82
CA THR A 273 6.03 11.62 18.95
C THR A 273 4.79 12.38 18.51
N ALA A 274 3.61 11.96 18.94
CA ALA A 274 2.37 12.56 18.44
C ALA A 274 2.22 14.03 18.77
N LEU A 275 2.46 14.40 20.02
CA LEU A 275 2.12 15.76 20.43
C LEU A 275 2.95 16.81 19.68
N GLY A 276 4.26 16.57 19.57
CA GLY A 276 5.12 17.44 18.77
C GLY A 276 4.75 17.46 17.29
N SER A 277 4.25 16.33 16.80
CA SER A 277 3.80 16.25 15.43
C SER A 277 2.59 17.13 15.19
N TYR A 278 1.63 17.07 16.09
CA TYR A 278 0.49 17.97 15.99
C TYR A 278 0.93 19.44 16.05
N ALA A 279 1.88 19.76 16.93
CA ALA A 279 2.37 21.13 17.02
C ALA A 279 2.94 21.58 15.67
N THR A 280 3.73 20.70 15.04
CA THR A 280 4.31 20.98 13.71
C THR A 280 3.21 21.30 12.70
N VAL A 281 2.17 20.47 12.65
CA VAL A 281 1.07 20.71 11.73
C VAL A 281 0.37 22.04 12.00
N PHE A 282 0.01 22.30 13.26
CA PHE A 282 -0.69 23.56 13.56
C PHE A 282 0.20 24.78 13.21
N GLU A 283 1.49 24.68 13.48
CA GLU A 283 2.44 25.75 13.08
C GLU A 283 2.49 25.96 11.57
N GLU A 284 2.59 24.87 10.81
CA GLU A 284 2.64 24.96 9.35
C GLU A 284 1.37 25.55 8.77
N MET A 285 0.24 25.32 9.45
CA MET A 285 -1.06 25.84 9.03
C MET A 285 -1.34 27.24 9.60
N ASN A 286 -0.34 27.83 10.25
CA ASN A 286 -0.48 29.16 10.87
C ASN A 286 -1.69 29.21 11.79
N ALA A 287 -1.82 28.18 12.62
CA ALA A 287 -3.02 27.99 13.43
C ALA A 287 -2.71 27.57 14.87
N LEU A 288 -1.55 27.96 15.37
CA LEU A 288 -1.19 27.64 16.75
C LEU A 288 -2.17 28.17 17.80
N GLN A 289 -2.92 29.22 17.45
CA GLN A 289 -3.97 29.71 18.36
C GLN A 289 -5.08 28.68 18.60
N HIS A 290 -5.16 27.64 17.76
CA HIS A 290 -6.17 26.58 17.94
C HIS A 290 -5.59 25.27 18.49
N PHE A 291 -4.29 25.24 18.72
CA PHE A 291 -3.59 24.01 19.13
C PHE A 291 -4.00 23.54 20.52
N GLU A 292 -4.01 24.44 21.51
CA GLU A 292 -4.38 24.03 22.85
C GLU A 292 -5.80 23.46 22.90
N ALA A 293 -6.74 24.09 22.21
CA ALA A 293 -8.11 23.62 22.26
C ALA A 293 -8.24 22.21 21.69
N PHE A 294 -7.55 21.95 20.60
CA PHE A 294 -7.52 20.62 20.00
C PHE A 294 -6.98 19.58 20.99
N CYS A 295 -5.89 19.93 21.67
CA CYS A 295 -5.19 18.98 22.54
C CYS A 295 -5.83 18.79 23.91
N SER A 296 -6.50 19.83 24.43
CA SER A 296 -6.75 19.94 25.85
C SER A 296 -8.14 20.45 26.26
N VAL A 297 -8.96 20.90 25.31
CA VAL A 297 -10.26 21.52 25.64
C VAL A 297 -11.46 20.90 24.93
N ASN A 298 -11.34 20.68 23.63
CA ASN A 298 -12.48 20.24 22.82
C ASN A 298 -12.97 18.84 23.22
N GLY A 299 -12.04 17.92 23.51
CA GLY A 299 -12.43 16.58 23.94
C GLY A 299 -13.17 16.60 25.26
N PRO A 300 -12.56 17.22 26.28
CA PRO A 300 -13.28 17.37 27.54
C PRO A 300 -14.68 17.98 27.39
N GLN A 301 -14.81 19.01 26.58
CA GLN A 301 -16.14 19.59 26.34
C GLN A 301 -17.13 18.59 25.77
N PHE A 302 -16.71 17.82 24.77
CA PHE A 302 -17.62 16.88 24.16
C PHE A 302 -18.04 15.76 25.12
N TYR A 303 -17.07 15.29 25.90
CA TYR A 303 -17.33 14.21 26.84
C TYR A 303 -17.95 14.67 28.15
N GLY A 304 -18.02 15.99 28.39
CA GLY A 304 -18.57 16.51 29.63
C GLY A 304 -17.65 16.30 30.81
N LEU A 305 -16.34 16.40 30.58
CA LEU A 305 -15.34 16.22 31.61
C LEU A 305 -14.55 17.49 31.81
N PRO A 306 -13.95 17.67 33.00
CA PRO A 306 -13.20 18.90 33.22
C PRO A 306 -11.92 19.00 32.40
N VAL A 307 -11.50 20.21 32.10
CA VAL A 307 -10.24 20.49 31.47
C VAL A 307 -9.14 20.35 32.51
N ASN A 308 -8.00 19.79 32.13
CA ASN A 308 -6.88 19.63 33.04
C ASN A 308 -6.39 20.98 33.54
N ASP A 309 -5.93 21.00 34.79
CA ASP A 309 -5.50 22.24 35.42
C ASP A 309 -4.00 22.39 35.59
N THR A 310 -3.21 21.45 35.06
CA THR A 310 -1.77 21.57 34.99
C THR A 310 -1.38 21.84 33.54
N PHE A 311 -0.10 22.16 33.34
CA PHE A 311 0.42 22.61 32.05
C PHE A 311 1.63 21.80 31.68
N ILE A 312 1.91 21.74 30.38
CA ILE A 312 3.17 21.21 29.87
C ILE A 312 3.72 22.18 28.84
N GLU A 313 5.00 22.02 28.53
CA GLU A 313 5.68 22.88 27.58
C GLU A 313 6.33 22.07 26.48
N LEU A 314 6.14 22.50 25.24
CA LEU A 314 6.93 22.01 24.13
C LEU A 314 7.92 23.08 23.75
N VAL A 315 9.08 22.64 23.30
CA VAL A 315 10.16 23.54 22.94
C VAL A 315 10.43 23.32 21.45
N ARG A 316 10.55 24.42 20.70
CA ARG A 316 10.95 24.32 19.31
C ARG A 316 12.44 24.19 19.18
N GLU A 317 12.95 23.02 19.53
CA GLU A 317 14.37 22.70 19.49
C GLU A 317 14.51 21.31 18.92
N GLU A 318 15.40 21.13 17.95
CA GLU A 318 15.48 19.88 17.20
C GLU A 318 15.98 18.72 18.04
N GLN A 319 15.32 17.58 17.87
CA GLN A 319 15.70 16.35 18.53
C GLN A 319 15.54 15.17 17.58
N GLN A 320 16.32 14.12 17.80
CA GLN A 320 16.23 12.90 16.99
C GLN A 320 15.36 11.88 17.71
N VAL A 321 14.42 11.31 16.98
CA VAL A 321 13.58 10.23 17.49
C VAL A 321 14.39 8.92 17.49
N ALA A 322 14.21 8.12 18.53
CA ALA A 322 14.83 6.80 18.61
C ALA A 322 14.54 5.98 17.36
N GLU A 323 15.48 5.15 16.96
CA GLU A 323 15.25 4.22 15.86
C GLU A 323 14.31 3.10 16.25
N SER A 324 14.35 2.72 17.51
CA SER A 324 13.51 1.65 18.01
C SER A 324 13.52 1.68 19.53
N ILE A 325 12.55 0.98 20.09
CA ILE A 325 12.30 0.91 21.51
C ILE A 325 12.16 -0.55 21.89
N ALA A 326 12.99 -1.01 22.82
CA ALA A 326 13.07 -2.42 23.15
C ALA A 326 11.80 -2.92 23.81
N LEU A 327 11.37 -4.11 23.41
CA LEU A 327 10.36 -4.89 24.11
C LEU A 327 11.06 -6.03 24.83
N THR A 328 10.32 -6.76 25.64
CA THR A 328 10.86 -7.96 26.26
C THR A 328 11.37 -8.91 25.18
N ASP A 329 10.55 -9.11 24.14
CA ASP A 329 10.97 -9.79 22.93
C ASP A 329 10.71 -8.86 21.74
N ASP A 330 11.69 -8.79 20.83
CA ASP A 330 11.64 -7.88 19.69
C ASP A 330 11.66 -6.43 20.15
N THR A 331 11.22 -5.59 19.25
CA THR A 331 11.37 -4.16 19.40
CA THR A 331 11.36 -4.18 19.41
C THR A 331 10.18 -3.48 18.72
N LEU A 332 9.96 -2.24 19.13
CA LEU A 332 8.92 -1.38 18.56
CA LEU A 332 8.94 -1.41 18.61
C LEU A 332 9.60 -0.27 17.81
N VAL A 333 9.08 0.04 16.64
CA VAL A 333 9.58 1.13 15.82
C VAL A 333 8.61 2.31 15.95
N PRO A 334 9.03 3.41 16.57
CA PRO A 334 8.09 4.52 16.76
C PRO A 334 7.81 5.29 15.46
N PHE A 335 6.68 5.98 15.44
CA PHE A 335 6.36 6.96 14.41
C PHE A 335 7.50 7.97 14.31
N LEU A 336 7.98 8.18 13.08
CA LEU A 336 9.09 9.10 12.76
C LEU A 336 10.43 8.61 13.28
N ALA A 337 10.57 7.30 13.42
CA ALA A 337 11.81 6.72 13.95
C ALA A 337 13.02 7.26 13.20
N GLY A 338 14.03 7.67 13.94
CA GLY A 338 15.28 8.14 13.38
C GLY A 338 15.26 9.54 12.78
N GLU A 339 14.10 10.19 12.77
CA GLU A 339 13.97 11.48 12.16
C GLU A 339 14.30 12.59 13.14
N THR A 340 14.68 13.73 12.59
CA THR A 340 14.81 14.94 13.36
C THR A 340 13.45 15.63 13.36
N VAL A 341 12.96 15.95 14.54
CA VAL A 341 11.66 16.60 14.70
C VAL A 341 11.82 17.98 15.30
N ARG A 342 10.84 18.83 15.01
CA ARG A 342 10.91 20.28 15.25
C ARG A 342 10.51 20.66 16.67
N TRP A 343 9.51 19.98 17.22
CA TRP A 343 8.96 20.26 18.53
C TRP A 343 9.07 19.02 19.40
N SER A 344 9.50 19.19 20.65
CA SER A 344 9.48 18.12 21.64
C SER A 344 9.05 18.68 22.98
N VAL A 345 8.66 17.77 23.87
CA VAL A 345 8.25 18.15 25.21
C VAL A 345 9.46 18.44 26.08
N LYS A 346 9.41 19.55 26.79
CA LYS A 346 10.46 19.92 27.70
C LYS A 346 10.43 19.04 28.93
N SER B 4 -8.21 -34.84 -16.03
CA SER B 4 -8.07 -33.36 -15.95
C SER B 4 -7.84 -32.77 -17.34
N GLN B 5 -8.41 -31.59 -17.58
CA GLN B 5 -8.25 -30.90 -18.85
C GLN B 5 -6.77 -30.60 -19.13
N VAL B 6 -6.36 -30.86 -20.37
CA VAL B 6 -5.01 -30.54 -20.85
C VAL B 6 -5.08 -29.54 -21.99
N LEU B 7 -4.23 -28.52 -21.91
CA LEU B 7 -4.14 -27.47 -22.92
C LEU B 7 -2.74 -27.54 -23.51
N LYS B 8 -2.64 -27.81 -24.82
CA LYS B 8 -1.35 -27.84 -25.51
C LYS B 8 -1.18 -26.52 -26.25
N ILE B 9 -0.10 -25.81 -25.96
CA ILE B 9 0.21 -24.55 -26.64
C ILE B 9 1.61 -24.55 -27.22
N ARG B 10 1.79 -23.71 -28.23
CA ARG B 10 3.12 -23.37 -28.67
C ARG B 10 3.94 -22.85 -27.47
N ARG B 11 5.21 -23.21 -27.42
CA ARG B 11 6.07 -22.78 -26.32
C ARG B 11 6.04 -21.26 -26.23
N PRO B 12 5.83 -20.72 -25.01
CA PRO B 12 5.72 -19.28 -24.84
C PRO B 12 7.06 -18.56 -24.81
N ASP B 13 6.99 -17.23 -24.78
CA ASP B 13 8.14 -16.39 -24.52
C ASP B 13 7.71 -15.37 -23.49
N ASP B 14 8.68 -14.75 -22.81
CA ASP B 14 8.40 -13.74 -21.78
C ASP B 14 8.96 -12.41 -22.26
N TRP B 15 8.08 -11.49 -22.65
CA TRP B 15 8.49 -10.24 -23.26
C TRP B 15 8.84 -9.13 -22.25
N HIS B 16 8.98 -9.49 -20.97
CA HIS B 16 9.44 -8.51 -19.97
C HIS B 16 9.93 -9.24 -18.70
N LEU B 17 11.25 -9.35 -18.54
CA LEU B 17 11.82 -10.13 -17.47
C LEU B 17 13.00 -9.45 -16.80
N HIS B 18 13.08 -9.57 -15.47
CA HIS B 18 14.28 -9.18 -14.73
C HIS B 18 14.99 -10.43 -14.22
N LEU B 19 16.23 -10.62 -14.66
CA LEU B 19 17.04 -11.75 -14.22
C LEU B 19 18.10 -11.40 -13.19
N ARG B 20 18.28 -10.12 -12.89
CA ARG B 20 19.30 -9.68 -11.93
C ARG B 20 20.68 -10.16 -12.36
N ASP B 21 21.56 -10.39 -11.41
CA ASP B 21 22.95 -10.76 -11.74
C ASP B 21 23.51 -11.64 -10.63
N GLY B 22 24.74 -12.12 -10.81
CA GLY B 22 25.43 -12.86 -9.75
C GLY B 22 24.66 -14.08 -9.28
N ASP B 23 24.63 -14.29 -7.97
CA ASP B 23 24.00 -15.48 -7.40
C ASP B 23 22.49 -15.48 -7.59
N MET B 24 21.86 -14.31 -7.54
CA MET B 24 20.41 -14.24 -7.74
CA MET B 24 20.41 -14.26 -7.74
C MET B 24 20.06 -14.71 -9.16
N LEU B 25 20.82 -14.24 -10.14
CA LEU B 25 20.67 -14.69 -11.54
C LEU B 25 20.75 -16.21 -11.63
N LYS B 26 21.74 -16.80 -10.98
CA LYS B 26 21.87 -18.27 -11.02
C LYS B 26 20.63 -18.98 -10.45
N THR B 27 20.05 -18.42 -9.40
CA THR B 27 18.89 -19.02 -8.78
C THR B 27 17.64 -18.88 -9.68
N VAL B 28 17.44 -17.71 -10.28
CA VAL B 28 16.15 -17.41 -10.92
C VAL B 28 16.07 -17.80 -12.40
N VAL B 29 17.20 -17.85 -13.11
CA VAL B 29 17.16 -18.17 -14.54
C VAL B 29 16.43 -19.46 -14.86
N PRO B 30 16.68 -20.55 -14.13
CA PRO B 30 16.03 -21.82 -14.48
C PRO B 30 14.50 -21.81 -14.43
N TYR B 31 13.91 -20.95 -13.62
CA TYR B 31 12.44 -20.86 -13.56
C TYR B 31 11.88 -20.32 -14.88
N THR B 32 12.67 -19.52 -15.57
CA THR B 32 12.32 -19.03 -16.89
C THR B 32 12.77 -20.00 -18.01
N SER B 33 14.01 -20.44 -17.97
CA SER B 33 14.56 -21.22 -19.09
C SER B 33 13.91 -22.58 -19.26
N GLU B 34 13.30 -23.11 -18.22
CA GLU B 34 12.64 -24.41 -18.35
C GLU B 34 11.35 -24.37 -19.16
N ILE B 35 10.79 -23.18 -19.31
CA ILE B 35 9.46 -22.99 -19.91
C ILE B 35 9.50 -22.16 -21.19
N TYR B 36 10.14 -21.00 -21.12
CA TYR B 36 10.08 -20.02 -22.19
C TYR B 36 11.21 -20.17 -23.21
N GLY B 37 10.89 -19.99 -24.49
CA GLY B 37 11.93 -20.10 -25.53
C GLY B 37 12.87 -18.92 -25.50
N ARG B 38 12.30 -17.73 -25.30
CA ARG B 38 13.07 -16.51 -25.28
C ARG B 38 12.49 -15.62 -24.19
N ALA B 39 13.27 -14.64 -23.77
CA ALA B 39 12.76 -13.57 -22.91
C ALA B 39 13.47 -12.28 -23.19
N ILE B 40 12.72 -11.18 -23.07
CA ILE B 40 13.29 -9.84 -23.08
C ILE B 40 13.87 -9.56 -21.71
N VAL B 41 15.18 -9.42 -21.64
CA VAL B 41 15.90 -9.28 -20.40
C VAL B 41 16.15 -7.82 -20.17
N MET B 42 15.52 -7.28 -19.13
CA MET B 42 15.59 -5.85 -18.87
C MET B 42 16.97 -5.44 -18.38
N PRO B 43 17.32 -4.15 -18.56
CA PRO B 43 18.71 -3.73 -18.42
C PRO B 43 19.04 -2.96 -17.14
N ASN B 44 18.12 -2.97 -16.18
CA ASN B 44 18.27 -2.19 -14.95
C ASN B 44 19.10 -2.88 -13.85
N LEU B 45 20.29 -3.32 -14.25
CA LEU B 45 21.30 -3.77 -13.31
C LEU B 45 21.91 -2.55 -12.62
N ALA B 46 22.73 -2.80 -11.62
CA ALA B 46 23.50 -1.75 -10.93
C ALA B 46 25.00 -2.00 -11.15
N PRO B 47 25.64 -1.26 -12.07
CA PRO B 47 25.14 -0.20 -12.93
C PRO B 47 24.38 -0.76 -14.13
N PRO B 48 23.52 0.07 -14.74
CA PRO B 48 22.69 -0.45 -15.85
C PRO B 48 23.49 -0.84 -17.09
N VAL B 49 22.86 -1.65 -17.93
CA VAL B 49 23.43 -2.09 -19.20
C VAL B 49 23.19 -1.01 -20.24
N THR B 50 24.25 -0.25 -20.54
CA THR B 50 24.15 0.90 -21.45
C THR B 50 25.15 0.83 -22.61
N THR B 51 25.90 -0.27 -22.68
CA THR B 51 26.86 -0.47 -23.75
C THR B 51 26.74 -1.87 -24.36
N VAL B 52 27.19 -2.01 -25.60
CA VAL B 52 27.20 -3.30 -26.26
C VAL B 52 28.04 -4.31 -25.48
N GLU B 53 29.20 -3.88 -25.02
CA GLU B 53 30.11 -4.74 -24.30
C GLU B 53 29.47 -5.35 -23.05
N ALA B 54 28.81 -4.49 -22.28
CA ALA B 54 28.15 -4.92 -21.03
C ALA B 54 27.02 -5.92 -21.32
N ALA B 55 26.28 -5.66 -22.39
CA ALA B 55 25.18 -6.56 -22.78
C ALA B 55 25.71 -7.93 -23.25
N VAL B 56 26.80 -7.94 -24.01
CA VAL B 56 27.42 -9.21 -24.39
C VAL B 56 27.88 -10.02 -23.17
N ALA B 57 28.52 -9.37 -22.22
CA ALA B 57 28.99 -10.07 -21.02
C ALA B 57 27.81 -10.59 -20.18
N TYR B 58 26.79 -9.76 -20.01
CA TYR B 58 25.60 -10.14 -19.25
C TYR B 58 24.89 -11.32 -19.92
N ARG B 59 24.76 -11.26 -21.24
CA ARG B 59 24.14 -12.36 -21.96
C ARG B 59 24.87 -13.68 -21.69
N GLN B 60 26.20 -13.63 -21.70
CA GLN B 60 26.98 -14.84 -21.42
C GLN B 60 26.79 -15.33 -19.99
N ARG B 61 26.71 -14.42 -19.02
CA ARG B 61 26.43 -14.83 -17.64
C ARG B 61 25.08 -15.53 -17.54
N ILE B 62 24.10 -15.03 -18.29
CA ILE B 62 22.78 -15.65 -18.33
C ILE B 62 22.88 -17.05 -18.93
N LEU B 63 23.51 -17.15 -20.09
CA LEU B 63 23.67 -18.47 -20.74
C LEU B 63 24.43 -19.46 -19.86
N ASP B 64 25.41 -18.97 -19.11
CA ASP B 64 26.16 -19.83 -18.17
C ASP B 64 25.25 -20.48 -17.13
N ALA B 65 24.17 -19.77 -16.77
CA ALA B 65 23.24 -20.20 -15.72
C ALA B 65 22.08 -21.04 -16.23
N VAL B 66 22.00 -21.26 -17.54
CA VAL B 66 20.90 -22.02 -18.12
C VAL B 66 21.23 -23.51 -18.05
N PRO B 67 20.39 -24.32 -17.38
CA PRO B 67 20.66 -25.75 -17.38
C PRO B 67 20.75 -26.36 -18.78
N ALA B 68 21.62 -27.34 -18.92
CA ALA B 68 21.75 -28.08 -20.18
C ALA B 68 20.40 -28.70 -20.55
N GLY B 69 20.02 -28.60 -21.81
CA GLY B 69 18.75 -29.11 -22.29
C GLY B 69 17.65 -28.08 -22.39
N HIS B 70 17.84 -26.92 -21.76
CA HIS B 70 16.91 -25.81 -21.92
C HIS B 70 17.33 -24.99 -23.13
N ASP B 71 16.46 -24.91 -24.13
CA ASP B 71 16.72 -24.13 -25.33
C ASP B 71 16.14 -22.75 -25.06
N PHE B 72 16.93 -21.94 -24.37
CA PHE B 72 16.51 -20.60 -23.95
C PHE B 72 17.47 -19.55 -24.50
N THR B 73 16.93 -18.50 -25.11
CA THR B 73 17.73 -17.41 -25.65
C THR B 73 17.30 -16.10 -24.99
N PRO B 74 18.21 -15.47 -24.26
CA PRO B 74 17.90 -14.14 -23.74
C PRO B 74 18.04 -13.08 -24.82
N LEU B 75 17.04 -12.22 -24.93
CA LEU B 75 17.02 -11.10 -25.87
C LEU B 75 17.35 -9.88 -25.05
N MET B 76 18.47 -9.25 -25.35
CA MET B 76 19.01 -8.20 -24.50
C MET B 76 18.45 -6.83 -24.86
N THR B 77 18.50 -5.93 -23.88
CA THR B 77 18.02 -4.57 -24.05
C THR B 77 19.07 -3.58 -23.58
N CYS B 78 18.96 -2.37 -24.09
CA CYS B 78 19.81 -1.26 -23.65
C CYS B 78 18.98 -0.34 -22.75
N TYR B 79 19.59 0.09 -21.64
CA TYR B 79 18.99 1.06 -20.73
C TYR B 79 19.22 2.45 -21.32
N LEU B 80 18.17 3.13 -21.74
CA LEU B 80 18.31 4.48 -22.28
C LEU B 80 18.75 5.47 -21.21
N THR B 81 19.52 6.44 -21.63
N THR B 81 19.81 6.22 -21.50
CA THR B 81 19.90 7.53 -20.78
CA THR B 81 20.47 7.18 -20.58
C THR B 81 19.83 8.80 -21.60
C THR B 81 21.03 8.40 -21.31
N ASP B 82 19.83 9.94 -20.92
N ASP B 82 21.32 9.46 -20.56
CA ASP B 82 19.77 11.22 -21.60
CA ASP B 82 21.80 10.72 -21.14
C ASP B 82 20.94 11.38 -22.56
C ASP B 82 23.02 10.59 -22.05
N SER B 83 22.09 10.79 -22.22
N SER B 83 24.02 9.84 -21.60
CA SER B 83 23.32 11.04 -22.97
CA SER B 83 25.29 9.79 -22.32
C SER B 83 23.82 9.87 -23.85
C SER B 83 25.20 8.85 -23.50
N LEU B 84 23.05 8.80 -24.00
N LEU B 84 24.04 8.21 -23.63
CA LEU B 84 23.53 7.64 -24.77
CA LEU B 84 23.81 7.27 -24.72
C LEU B 84 23.89 7.99 -26.22
C LEU B 84 23.97 7.92 -26.09
N ASP B 85 24.94 7.38 -26.80
CA ASP B 85 25.29 7.68 -28.19
C ASP B 85 24.41 6.84 -29.11
N PRO B 86 23.65 7.50 -30.02
CA PRO B 86 22.85 6.73 -30.99
C PRO B 86 23.65 5.69 -31.77
N ASN B 87 24.91 5.96 -32.08
CA ASN B 87 25.76 4.97 -32.77
C ASN B 87 26.03 3.72 -31.93
N GLU B 88 26.11 3.87 -30.62
CA GLU B 88 26.34 2.74 -29.71
C GLU B 88 25.12 1.82 -29.74
N LEU B 89 23.94 2.43 -29.66
CA LEU B 89 22.69 1.69 -29.69
C LEU B 89 22.51 0.99 -31.04
N GLU B 90 22.73 1.69 -32.14
CA GLU B 90 22.58 1.06 -33.46
C GLU B 90 23.56 -0.09 -33.66
N ARG B 91 24.82 0.09 -33.26
CA ARG B 91 25.79 -0.99 -33.38
C ARG B 91 25.32 -2.26 -32.67
N GLY B 92 24.84 -2.11 -31.43
CA GLY B 92 24.30 -3.24 -30.71
C GLY B 92 23.12 -3.90 -31.37
N PHE B 93 22.25 -3.09 -31.99
CA PHE B 93 21.11 -3.62 -32.74
C PHE B 93 21.62 -4.42 -33.94
N ASN B 94 22.55 -3.83 -34.69
CA ASN B 94 23.04 -4.46 -35.92
C ASN B 94 23.80 -5.76 -35.65
N GLU B 95 24.42 -5.84 -34.48
CA GLU B 95 25.14 -7.04 -34.06
C GLU B 95 24.26 -8.13 -33.46
N GLY B 96 22.95 -7.88 -33.32
CA GLY B 96 22.06 -8.84 -32.70
C GLY B 96 22.21 -8.89 -31.19
N VAL B 97 22.88 -7.91 -30.61
CA VAL B 97 23.07 -7.84 -29.17
C VAL B 97 21.82 -7.24 -28.51
N PHE B 98 21.43 -6.04 -28.95
CA PHE B 98 20.23 -5.37 -28.45
C PHE B 98 19.02 -5.68 -29.33
N THR B 99 18.00 -6.29 -28.75
CA THR B 99 16.72 -6.48 -29.41
C THR B 99 15.83 -5.24 -29.28
N ALA B 100 16.00 -4.49 -28.20
CA ALA B 100 15.16 -3.31 -27.96
C ALA B 100 15.88 -2.39 -26.99
N ALA B 101 15.32 -1.21 -26.78
CA ALA B 101 15.82 -0.30 -25.75
C ALA B 101 14.69 0.05 -24.79
N KCX B 102 15.04 0.22 -23.52
CA KCX B 102 14.06 0.42 -22.44
CB KCX B 102 14.30 -0.60 -21.34
CG KCX B 102 13.36 -0.45 -20.11
CD KCX B 102 11.92 -0.79 -20.48
CE KCX B 102 10.99 -0.80 -19.27
NZ KCX B 102 11.43 -1.85 -18.30
C KCX B 102 14.16 1.84 -21.87
O KCX B 102 15.26 2.31 -21.52
CX KCX B 102 10.85 -2.01 -17.11
OQ1 KCX B 102 11.36 -2.87 -16.33
OQ2 KCX B 102 9.83 -1.34 -16.84
N LEU B 103 13.02 2.52 -21.85
CA LEU B 103 12.90 3.87 -21.30
C LEU B 103 12.27 3.82 -19.90
N TYR B 104 13.08 4.12 -18.88
CA TYR B 104 12.58 4.27 -17.52
C TYR B 104 12.32 5.73 -17.27
N PRO B 105 11.39 6.03 -16.36
CA PRO B 105 11.23 7.40 -15.96
C PRO B 105 12.43 7.70 -15.07
N ALA B 106 13.02 8.88 -15.17
CA ALA B 106 14.03 9.31 -14.19
C ALA B 106 13.40 9.43 -12.80
N GLY B 115 20.67 7.35 -16.34
N GLY B 115 17.75 7.39 -15.20
CA GLY B 115 19.26 7.63 -16.58
CA GLY B 115 16.67 7.30 -16.18
C GLY B 115 19.02 8.75 -17.58
C GLY B 115 16.53 8.56 -17.01
N VAL B 116 17.77 8.92 -17.99
N VAL B 116 15.63 8.53 -17.98
CA VAL B 116 17.42 9.99 -18.90
CA VAL B 116 15.51 9.59 -18.96
C VAL B 116 16.85 11.16 -18.12
C VAL B 116 14.75 10.74 -18.33
N THR B 117 17.41 12.35 -18.31
N THR B 117 15.36 11.92 -18.40
CA THR B 117 16.91 13.55 -17.66
CA THR B 117 14.82 13.13 -17.79
C THR B 117 15.56 13.94 -18.25
C THR B 117 13.67 13.63 -18.64
N SER B 118 15.43 13.75 -19.56
N SER B 118 13.84 13.54 -19.96
CA SER B 118 14.15 13.95 -20.25
CA SER B 118 12.80 13.97 -20.87
C SER B 118 14.16 13.22 -21.60
C SER B 118 12.93 13.32 -22.24
N VAL B 119 12.98 13.02 -22.17
N VAL B 119 11.79 13.19 -22.92
CA VAL B 119 12.85 12.42 -23.48
CA VAL B 119 11.79 12.69 -24.30
C VAL B 119 13.36 13.36 -24.58
C VAL B 119 12.63 13.62 -25.19
N ASP B 120 13.00 14.64 -24.51
N ASP B 120 12.71 14.90 -24.85
CA ASP B 120 13.46 15.60 -25.51
CA ASP B 120 13.50 15.83 -25.66
C ASP B 120 14.98 15.57 -25.58
C ASP B 120 15.03 15.61 -25.60
N ALA B 121 15.60 15.32 -24.43
CA ALA B 121 17.06 15.15 -24.31
C ALA B 121 17.61 13.95 -25.11
N ILE B 122 16.78 12.94 -25.35
CA ILE B 122 17.17 11.73 -26.09
C ILE B 122 16.59 11.61 -27.49
N MET B 123 16.11 12.72 -28.04
CA MET B 123 15.44 12.67 -29.33
C MET B 123 16.31 12.08 -30.45
N PRO B 124 17.62 12.42 -30.50
CA PRO B 124 18.50 11.78 -31.49
C PRO B 124 18.57 10.25 -31.37
N VAL B 125 18.58 9.72 -30.15
CA VAL B 125 18.54 8.27 -29.97
C VAL B 125 17.21 7.68 -30.46
N LEU B 126 16.10 8.31 -30.09
CA LEU B 126 14.79 7.85 -30.51
C LEU B 126 14.58 7.92 -32.02
N GLU B 127 15.09 8.99 -32.64
CA GLU B 127 15.07 9.12 -34.10
C GLU B 127 15.87 8.00 -34.79
N ARG B 128 17.01 7.65 -34.23
CA ARG B 128 17.80 6.52 -34.74
C ARG B 128 17.02 5.22 -34.61
N MET B 129 16.40 4.98 -33.45
CA MET B 129 15.58 3.78 -33.27
C MET B 129 14.46 3.68 -34.29
N GLU B 130 13.78 4.80 -34.55
CA GLU B 130 12.71 4.86 -35.52
C GLU B 130 13.21 4.48 -36.92
N LYS B 131 14.36 5.04 -37.30
CA LYS B 131 14.94 4.79 -38.62
C LYS B 131 15.33 3.34 -38.83
N ILE B 132 15.88 2.70 -37.78
CA ILE B 132 16.39 1.34 -37.90
C ILE B 132 15.37 0.25 -37.57
N GLY B 133 14.21 0.64 -37.05
CA GLY B 133 13.16 -0.31 -36.73
C GLY B 133 13.35 -1.02 -35.40
N MET B 134 14.05 -0.36 -34.47
CA MET B 134 14.28 -0.93 -33.15
C MET B 134 13.12 -0.52 -32.22
N PRO B 135 12.44 -1.50 -31.60
CA PRO B 135 11.33 -1.14 -30.70
C PRO B 135 11.77 -0.43 -29.43
N LEU B 136 10.93 0.51 -28.99
CA LEU B 136 11.08 1.20 -27.72
C LEU B 136 10.13 0.60 -26.68
N LEU B 137 10.70 0.15 -25.56
CA LEU B 137 9.91 -0.42 -24.46
C LEU B 137 9.82 0.66 -23.39
N VAL B 138 8.61 0.97 -22.97
CA VAL B 138 8.36 2.12 -22.11
C VAL B 138 7.76 1.72 -20.76
N HIS B 139 8.42 2.11 -19.68
CA HIS B 139 7.81 2.12 -18.34
C HIS B 139 7.11 3.48 -18.21
N GLY B 140 5.82 3.49 -18.50
CA GLY B 140 5.07 4.73 -18.68
C GLY B 140 4.46 5.27 -17.41
N GLU B 141 5.28 5.94 -16.61
CA GLU B 141 4.80 6.67 -15.43
C GLU B 141 5.49 8.01 -15.36
N VAL B 142 4.74 9.05 -14.97
CA VAL B 142 5.32 10.34 -14.58
C VAL B 142 5.75 10.25 -13.12
N THR B 143 6.66 11.12 -12.72
CA THR B 143 7.40 10.98 -11.47
C THR B 143 7.28 12.18 -10.52
N HIS B 144 6.62 13.25 -10.95
CA HIS B 144 6.60 14.45 -10.13
C HIS B 144 6.03 14.15 -8.75
N ALA B 145 6.71 14.63 -7.72
CA ALA B 145 6.39 14.27 -6.35
C ALA B 145 4.93 14.51 -5.98
N ASP B 146 4.31 15.53 -6.55
CA ASP B 146 2.96 15.89 -6.14
C ASP B 146 1.86 15.09 -6.82
N ILE B 147 2.24 14.28 -7.79
CA ILE B 147 1.27 13.46 -8.49
C ILE B 147 1.04 12.18 -7.72
N ASP B 148 -0.22 11.93 -7.41
CA ASP B 148 -0.60 10.74 -6.67
C ASP B 148 -0.12 9.49 -7.41
N ILE B 149 0.41 8.53 -6.66
CA ILE B 149 1.02 7.36 -7.26
C ILE B 149 0.05 6.61 -8.19
N PHE B 150 -1.23 6.58 -7.82
CA PHE B 150 -2.23 5.84 -8.60
C PHE B 150 -2.57 6.54 -9.92
N ASP B 151 -2.18 7.81 -10.07
CA ASP B 151 -2.45 8.60 -11.27
C ASP B 151 -1.27 8.62 -12.25
N ARG B 152 -0.12 8.05 -11.89
CA ARG B 152 1.10 8.32 -12.63
C ARG B 152 1.13 7.70 -14.03
N GLU B 153 0.47 6.55 -14.20
CA GLU B 153 0.39 5.91 -15.53
C GLU B 153 -0.52 6.70 -16.45
N ALA B 154 -1.71 7.05 -15.98
CA ALA B 154 -2.65 7.81 -16.82
C ALA B 154 -2.06 9.14 -17.25
N ARG B 155 -1.40 9.83 -16.32
CA ARG B 155 -0.82 11.12 -16.63
C ARG B 155 0.28 10.99 -17.67
N PHE B 156 1.01 9.89 -17.66
CA PHE B 156 2.08 9.67 -18.64
C PHE B 156 1.53 9.59 -20.08
N ILE B 157 0.35 9.02 -20.23
CA ILE B 157 -0.23 8.83 -21.55
C ILE B 157 -0.39 10.18 -22.22
N GLU B 158 -0.99 11.13 -21.50
CA GLU B 158 -1.26 12.46 -22.05
C GLU B 158 -0.03 13.34 -22.21
N SER B 159 0.88 13.32 -21.26
CA SER B 159 1.98 14.28 -21.23
C SER B 159 3.27 13.80 -21.90
N VAL B 160 3.45 12.48 -22.03
CA VAL B 160 4.65 11.92 -22.63
C VAL B 160 4.35 10.96 -23.78
N MET B 161 3.52 9.95 -23.59
CA MET B 161 3.32 8.92 -24.63
C MET B 161 2.69 9.51 -25.84
N GLU B 162 1.57 10.22 -25.74
CA GLU B 162 0.89 10.67 -26.96
C GLU B 162 1.75 11.69 -27.73
N PRO B 163 2.35 12.70 -27.06
CA PRO B 163 3.31 13.56 -27.79
C PRO B 163 4.47 12.84 -28.50
N LEU B 164 5.08 11.84 -27.86
CA LEU B 164 6.21 11.11 -28.45
C LEU B 164 5.79 10.39 -29.71
N ARG B 165 4.64 9.71 -29.66
CA ARG B 165 4.15 8.92 -30.80
C ARG B 165 3.71 9.83 -31.94
N GLN B 166 3.26 11.05 -31.61
CA GLN B 166 2.91 12.03 -32.65
C GLN B 166 4.15 12.57 -33.36
N ARG B 167 5.27 12.63 -32.64
CA ARG B 167 6.51 13.14 -33.17
C ARG B 167 7.23 12.09 -34.02
N LEU B 168 7.22 10.85 -33.56
CA LEU B 168 7.93 9.75 -34.21
C LEU B 168 6.93 8.69 -34.64
N THR B 169 6.26 8.93 -35.77
CA THR B 169 5.08 8.16 -36.12
C THR B 169 5.39 6.76 -36.62
N ALA B 170 6.66 6.49 -36.93
CA ALA B 170 7.10 5.17 -37.36
C ALA B 170 7.78 4.36 -36.25
N LEU B 171 7.93 4.97 -35.06
CA LEU B 171 8.55 4.27 -33.95
C LEU B 171 7.61 3.20 -33.41
N LYS B 172 8.15 2.00 -33.24
CA LYS B 172 7.41 0.91 -32.60
C LYS B 172 7.56 0.99 -31.09
N VAL B 173 6.44 0.93 -30.36
CA VAL B 173 6.44 1.15 -28.91
C VAL B 173 5.68 0.03 -28.23
N VAL B 174 6.29 -0.55 -27.20
CA VAL B 174 5.56 -1.43 -26.29
C VAL B 174 5.34 -0.65 -24.98
N PHE B 175 4.07 -0.47 -24.63
CA PHE B 175 3.66 0.12 -23.34
C PHE B 175 3.76 -1.04 -22.34
N GLU B 176 4.83 -1.08 -21.58
CA GLU B 176 5.06 -2.23 -20.71
C GLU B 176 4.11 -2.26 -19.55
N HIS B 177 3.86 -3.48 -19.06
CA HIS B 177 3.10 -3.72 -17.83
C HIS B 177 2.02 -2.68 -17.59
N ILE B 178 1.04 -2.63 -18.48
CA ILE B 178 -0.04 -1.67 -18.29
C ILE B 178 -0.94 -2.10 -17.13
N THR B 179 -1.53 -1.12 -16.44
CA THR B 179 -2.22 -1.37 -15.17
C THR B 179 -3.56 -0.66 -15.05
N THR B 180 -3.94 0.12 -16.08
CA THR B 180 -5.11 1.00 -16.02
C THR B 180 -6.01 0.81 -17.21
N LYS B 181 -7.29 1.10 -17.01
CA LYS B 181 -8.25 1.24 -18.10
C LYS B 181 -7.80 2.31 -19.09
N ASP B 182 -7.19 3.37 -18.58
CA ASP B 182 -6.66 4.43 -19.43
C ASP B 182 -5.67 3.88 -20.46
N ALA B 183 -4.74 3.07 -19.98
CA ALA B 183 -3.76 2.44 -20.87
C ALA B 183 -4.37 1.38 -21.77
N ALA B 184 -5.26 0.56 -21.21
CA ALA B 184 -5.93 -0.49 -21.98
C ALA B 184 -6.66 0.12 -23.17
N ASP B 185 -7.41 1.18 -22.90
CA ASP B 185 -8.17 1.86 -23.97
C ASP B 185 -7.24 2.50 -24.99
N TYR B 186 -6.18 3.14 -24.53
CA TYR B 186 -5.20 3.79 -25.40
C TYR B 186 -4.54 2.79 -26.34
N VAL B 187 -4.17 1.65 -25.83
CA VAL B 187 -3.56 0.60 -26.62
C VAL B 187 -4.58 -0.03 -27.57
N ARG B 188 -5.77 -0.34 -27.07
CA ARG B 188 -6.84 -0.93 -27.89
C ARG B 188 -7.14 -0.05 -29.10
N ASP B 189 -7.09 1.26 -28.89
CA ASP B 189 -7.46 2.22 -29.94
C ASP B 189 -6.27 2.70 -30.80
N GLY B 190 -5.10 2.11 -30.57
CA GLY B 190 -3.85 2.53 -31.19
C GLY B 190 -3.62 1.84 -32.51
N ASN B 191 -2.49 2.13 -33.15
CA ASN B 191 -2.18 1.57 -34.46
C ASN B 191 -1.24 0.37 -34.34
N GLU B 192 -0.83 -0.17 -35.47
CA GLU B 192 -0.05 -1.41 -35.45
C GLU B 192 1.37 -1.21 -34.91
N ARG B 193 1.72 0.02 -34.60
CA ARG B 193 3.02 0.33 -34.04
C ARG B 193 3.00 0.48 -32.51
N LEU B 194 1.87 0.19 -31.91
CA LEU B 194 1.73 0.24 -30.45
C LEU B 194 1.23 -1.08 -29.91
N ALA B 195 1.95 -1.60 -28.92
CA ALA B 195 1.58 -2.84 -28.25
C ALA B 195 1.72 -2.68 -26.74
N ALA B 196 1.38 -3.72 -25.99
CA ALA B 196 1.53 -3.71 -24.53
C ALA B 196 1.80 -5.09 -23.99
N THR B 197 2.46 -5.12 -22.83
CA THR B 197 2.53 -6.34 -22.03
C THR B 197 1.69 -6.18 -20.77
N ILE B 198 1.23 -7.31 -20.24
CA ILE B 198 0.47 -7.32 -18.99
C ILE B 198 0.98 -8.47 -18.14
N THR B 199 1.22 -8.18 -16.85
CA THR B 199 1.74 -9.13 -15.88
C THR B 199 0.62 -10.02 -15.37
N PRO B 200 0.96 -11.16 -14.73
CA PRO B 200 -0.12 -11.94 -14.11
C PRO B 200 -0.77 -11.20 -12.92
N GLN B 201 0.03 -10.52 -12.11
CA GLN B 201 -0.54 -9.87 -10.92
C GLN B 201 -1.56 -8.80 -11.24
N HIS B 202 -1.36 -8.06 -12.34
CA HIS B 202 -2.31 -6.99 -12.67
C HIS B 202 -3.59 -7.53 -13.30
N LEU B 203 -3.58 -8.79 -13.75
CA LEU B 203 -4.80 -9.46 -14.16
C LEU B 203 -5.52 -10.15 -12.99
N MET B 204 -4.76 -10.70 -12.06
CA MET B 204 -5.30 -11.51 -10.97
C MET B 204 -5.82 -10.71 -9.79
N PHE B 205 -5.20 -9.57 -9.53
CA PHE B 205 -5.43 -8.81 -8.31
C PHE B 205 -5.69 -7.35 -8.59
N ASN B 206 -6.17 -6.66 -7.56
CA ASN B 206 -6.25 -5.21 -7.52
C ASN B 206 -5.65 -4.74 -6.20
N ARG B 207 -5.66 -3.44 -5.95
CA ARG B 207 -4.99 -2.93 -4.76
C ARG B 207 -5.58 -3.44 -3.46
N ASN B 208 -6.84 -3.84 -3.45
CA ASN B 208 -7.39 -4.44 -2.22
C ASN B 208 -6.64 -5.66 -1.77
N HIS B 209 -6.18 -6.48 -2.72
CA HIS B 209 -5.46 -7.68 -2.35
C HIS B 209 -4.13 -7.37 -1.65
N MET B 210 -3.56 -6.22 -1.96
CA MET B 210 -2.30 -5.77 -1.37
C MET B 210 -2.48 -5.09 -0.01
N LEU B 211 -3.68 -4.60 0.28
CA LEU B 211 -3.90 -3.70 1.42
C LEU B 211 -4.99 -4.07 2.42
N VAL B 212 -5.91 -4.94 2.04
CA VAL B 212 -6.99 -5.31 2.94
C VAL B 212 -6.53 -6.51 3.81
N GLY B 213 -6.66 -6.38 5.12
CA GLY B 213 -6.29 -7.45 6.06
C GLY B 213 -4.82 -7.50 6.45
N GLY B 214 -4.06 -6.55 5.94
CA GLY B 214 -2.63 -6.45 6.17
C GLY B 214 -1.99 -5.89 4.92
N VAL B 215 -0.79 -5.36 5.05
CA VAL B 215 -0.05 -4.89 3.90
C VAL B 215 0.84 -6.01 3.40
N ARG B 216 0.75 -6.28 2.10
CA ARG B 216 1.38 -7.47 1.52
C ARG B 216 2.47 -7.04 0.55
N PRO B 217 3.72 -6.90 1.05
CA PRO B 217 4.77 -6.41 0.16
C PRO B 217 5.10 -7.29 -1.04
N HIS B 218 4.75 -8.56 -0.99
CA HIS B 218 5.00 -9.41 -2.14
C HIS B 218 4.05 -9.15 -3.30
N LEU B 219 3.01 -8.34 -3.06
CA LEU B 219 2.14 -7.83 -4.12
CA LEU B 219 2.13 -7.83 -4.12
C LEU B 219 2.50 -6.40 -4.52
N TYR B 220 3.44 -5.79 -3.83
CA TYR B 220 3.86 -4.43 -4.12
C TYR B 220 4.88 -4.44 -5.27
N CYS B 221 4.54 -3.69 -6.32
CA CYS B 221 5.31 -3.60 -7.55
C CYS B 221 4.93 -2.30 -8.22
N LEU B 222 5.72 -1.90 -9.22
CA LEU B 222 5.43 -0.74 -10.03
C LEU B 222 5.16 -1.23 -11.44
N PRO B 223 4.17 -0.65 -12.12
CA PRO B 223 3.25 0.34 -11.61
C PRO B 223 2.32 -0.30 -10.56
N ILE B 224 1.93 0.48 -9.57
CA ILE B 224 1.19 -0.05 -8.46
C ILE B 224 -0.14 -0.66 -8.91
N LEU B 225 -0.55 -1.72 -8.22
CA LEU B 225 -1.88 -2.27 -8.41
C LEU B 225 -2.94 -1.18 -8.24
N LYS B 226 -3.93 -1.18 -9.12
CA LYS B 226 -4.93 -0.13 -9.18
C LYS B 226 -6.27 -0.63 -8.66
N ARG B 227 -7.25 0.26 -8.67
CA ARG B 227 -8.63 -0.06 -8.38
C ARG B 227 -9.16 -1.23 -9.22
N ASN B 228 -10.14 -1.96 -8.69
CA ASN B 228 -10.78 -3.05 -9.44
C ASN B 228 -11.23 -2.69 -10.85
N ILE B 229 -11.72 -1.48 -11.08
CA ILE B 229 -12.18 -1.13 -12.43
C ILE B 229 -11.08 -1.24 -13.46
N HIS B 230 -9.85 -0.96 -13.04
CA HIS B 230 -8.71 -1.10 -13.91
C HIS B 230 -8.36 -2.54 -14.17
N GLN B 231 -8.35 -3.36 -13.12
CA GLN B 231 -8.13 -4.79 -13.24
C GLN B 231 -9.11 -5.40 -14.25
N GLN B 232 -10.37 -5.02 -14.13
CA GLN B 232 -11.39 -5.56 -15.02
C GLN B 232 -11.15 -5.17 -16.47
N ALA B 233 -10.73 -3.93 -16.71
CA ALA B 233 -10.40 -3.46 -18.06
C ALA B 233 -9.25 -4.25 -18.68
N LEU B 234 -8.25 -4.61 -17.87
CA LEU B 234 -7.12 -5.41 -18.36
C LEU B 234 -7.56 -6.82 -18.73
N ARG B 235 -8.40 -7.40 -17.88
CA ARG B 235 -8.95 -8.73 -18.12
C ARG B 235 -9.76 -8.77 -19.40
N GLU B 236 -10.60 -7.75 -19.61
CA GLU B 236 -11.40 -7.65 -20.83
C GLU B 236 -10.53 -7.49 -22.06
N LEU B 237 -9.46 -6.70 -21.95
CA LEU B 237 -8.55 -6.50 -23.07
C LEU B 237 -7.92 -7.82 -23.53
N VAL B 238 -7.35 -8.59 -22.61
CA VAL B 238 -6.73 -9.85 -23.03
C VAL B 238 -7.76 -10.87 -23.55
N ALA B 239 -8.92 -10.90 -22.90
CA ALA B 239 -9.98 -11.84 -23.25
C ALA B 239 -10.62 -11.54 -24.60
N SER B 240 -10.49 -10.30 -25.09
CA SER B 240 -11.09 -9.90 -26.37
C SER B 240 -10.40 -10.52 -27.57
N GLY B 241 -9.18 -11.01 -27.39
CA GLY B 241 -8.38 -11.52 -28.48
C GLY B 241 -7.58 -10.44 -29.20
N PHE B 242 -7.61 -9.22 -28.69
CA PHE B 242 -6.80 -8.12 -29.22
C PHE B 242 -5.37 -8.61 -29.38
N ASN B 243 -4.79 -8.42 -30.55
CA ASN B 243 -3.55 -9.11 -30.88
C ASN B 243 -2.26 -8.36 -30.66
N ARG B 244 -2.34 -7.18 -30.06
CA ARG B 244 -1.14 -6.40 -29.71
C ARG B 244 -0.97 -6.25 -28.21
N VAL B 245 -1.48 -7.25 -27.49
CA VAL B 245 -1.11 -7.46 -26.09
CA VAL B 245 -1.10 -7.45 -26.10
C VAL B 245 -0.50 -8.85 -25.98
N PHE B 246 0.52 -8.99 -25.14
CA PHE B 246 1.24 -10.24 -25.02
C PHE B 246 1.89 -10.40 -23.65
N LEU B 247 2.31 -11.63 -23.38
CA LEU B 247 2.84 -12.05 -22.09
C LEU B 247 4.13 -11.31 -21.79
N GLY B 248 4.16 -10.63 -20.65
CA GLY B 248 5.38 -10.06 -20.10
C GLY B 248 5.21 -10.12 -18.59
N THR B 249 5.96 -10.99 -17.94
CA THR B 249 5.72 -11.26 -16.52
C THR B 249 6.07 -10.08 -15.62
N ASP B 250 7.08 -9.31 -16.01
CA ASP B 250 7.79 -8.41 -15.10
C ASP B 250 8.22 -9.13 -13.82
N SER B 251 8.62 -10.41 -13.95
CA SER B 251 9.17 -11.11 -12.80
C SER B 251 10.36 -10.31 -12.32
N ALA B 252 10.36 -9.95 -11.04
CA ALA B 252 11.26 -8.91 -10.51
C ALA B 252 11.66 -9.30 -9.09
N PRO B 253 12.60 -10.24 -9.00
CA PRO B 253 12.89 -10.83 -7.68
C PRO B 253 13.73 -9.96 -6.76
N HIS B 254 13.40 -10.00 -5.47
CA HIS B 254 14.18 -9.42 -4.40
C HIS B 254 14.21 -10.38 -3.25
N ALA B 255 15.33 -10.43 -2.52
CA ALA B 255 15.42 -11.24 -1.32
C ALA B 255 14.31 -10.87 -0.32
N ARG B 256 13.88 -11.86 0.45
CA ARG B 256 12.77 -11.74 1.38
C ARG B 256 12.87 -10.51 2.26
N HIS B 257 14.01 -10.27 2.88
CA HIS B 257 14.12 -9.16 3.82
C HIS B 257 14.42 -7.83 3.18
N ARG B 258 14.53 -7.81 1.84
CA ARG B 258 14.44 -6.55 1.10
C ARG B 258 12.99 -6.19 0.78
N LYS B 259 12.14 -7.20 0.67
CA LYS B 259 10.70 -7.02 0.49
C LYS B 259 10.01 -6.71 1.82
N GLU B 260 10.37 -7.45 2.87
CA GLU B 260 9.74 -7.38 4.19
C GLU B 260 10.68 -6.56 5.06
N SER B 261 10.48 -5.26 5.04
CA SER B 261 11.40 -4.27 5.57
CA SER B 261 11.37 -4.30 5.66
C SER B 261 10.62 -3.00 5.85
N SER B 262 11.27 -2.03 6.48
CA SER B 262 10.66 -0.75 6.69
C SER B 262 10.41 0.01 5.38
N CYS B 263 11.12 -0.34 4.31
CA CYS B 263 10.93 0.29 3.00
C CYS B 263 11.11 -0.82 1.98
N GLY B 264 10.04 -1.54 1.72
CA GLY B 264 10.09 -2.75 0.89
C GLY B 264 10.24 -2.41 -0.57
N CYS B 265 11.09 -3.18 -1.25
CA CYS B 265 11.32 -3.03 -2.68
C CYS B 265 10.13 -3.46 -3.52
N ALA B 266 9.95 -2.80 -4.65
CA ALA B 266 8.91 -3.11 -5.61
C ALA B 266 9.31 -4.25 -6.53
N GLY B 267 8.42 -5.24 -6.67
CA GLY B 267 8.58 -6.30 -7.66
C GLY B 267 8.08 -7.63 -7.19
N CYS B 268 7.40 -8.35 -8.09
CA CYS B 268 6.84 -9.67 -7.80
C CYS B 268 7.68 -10.76 -8.46
N PHE B 269 8.10 -11.77 -7.70
CA PHE B 269 8.84 -12.91 -8.28
C PHE B 269 7.84 -13.97 -8.78
N ASN B 270 7.34 -13.75 -9.99
CA ASN B 270 6.23 -14.53 -10.52
C ASN B 270 6.65 -15.51 -11.60
N ALA B 271 7.93 -15.58 -11.94
CA ALA B 271 8.34 -16.54 -12.97
C ALA B 271 7.87 -17.98 -12.71
N PRO B 272 7.95 -18.46 -11.44
CA PRO B 272 7.51 -19.85 -11.20
C PRO B 272 6.03 -20.13 -11.44
N THR B 273 5.19 -19.12 -11.35
CA THR B 273 3.74 -19.28 -11.35
C THR B 273 3.00 -18.56 -12.48
N ALA B 274 3.71 -17.75 -13.28
CA ALA B 274 3.03 -16.85 -14.19
C ALA B 274 2.18 -17.57 -15.23
N LEU B 275 2.75 -18.58 -15.89
CA LEU B 275 2.05 -19.18 -17.03
C LEU B 275 0.72 -19.80 -16.58
N GLY B 276 0.75 -20.57 -15.49
CA GLY B 276 -0.49 -21.16 -14.96
C GLY B 276 -1.48 -20.12 -14.47
N SER B 277 -0.96 -19.02 -13.94
CA SER B 277 -1.80 -17.92 -13.48
C SER B 277 -2.51 -17.25 -14.66
N TYR B 278 -1.79 -17.01 -15.74
CA TYR B 278 -2.42 -16.50 -16.95
C TYR B 278 -3.50 -17.46 -17.46
N ALA B 279 -3.21 -18.75 -17.46
CA ALA B 279 -4.19 -19.72 -17.94
C ALA B 279 -5.50 -19.63 -17.16
N THR B 280 -5.38 -19.47 -15.85
CA THR B 280 -6.56 -19.31 -15.00
C THR B 280 -7.37 -18.08 -15.39
N VAL B 281 -6.70 -16.97 -15.64
CA VAL B 281 -7.40 -15.75 -16.01
C VAL B 281 -8.15 -15.95 -17.31
N PHE B 282 -7.46 -16.49 -18.32
CA PHE B 282 -8.11 -16.71 -19.60
C PHE B 282 -9.30 -17.68 -19.48
N GLU B 283 -9.15 -18.72 -18.67
CA GLU B 283 -10.25 -19.65 -18.42
C GLU B 283 -11.46 -18.96 -17.78
N GLU B 284 -11.20 -18.16 -16.74
CA GLU B 284 -12.26 -17.43 -16.05
C GLU B 284 -13.00 -16.46 -16.96
N MET B 285 -12.27 -15.91 -17.94
CA MET B 285 -12.82 -14.96 -18.90
C MET B 285 -13.41 -15.66 -20.12
N ASN B 286 -13.51 -17.00 -20.08
CA ASN B 286 -14.07 -17.77 -21.19
CA ASN B 286 -14.05 -17.77 -21.19
C ASN B 286 -13.34 -17.44 -22.50
N ALA B 287 -12.02 -17.37 -22.41
CA ALA B 287 -11.18 -16.89 -23.51
C ALA B 287 -9.94 -17.75 -23.76
N LEU B 288 -9.99 -19.03 -23.40
CA LEU B 288 -8.84 -19.90 -23.68
C LEU B 288 -8.46 -19.97 -25.16
N GLN B 289 -9.41 -19.71 -26.06
CA GLN B 289 -9.09 -19.67 -27.50
C GLN B 289 -8.05 -18.60 -27.88
N HIS B 290 -7.88 -17.60 -27.02
CA HIS B 290 -6.94 -16.51 -27.24
C HIS B 290 -5.65 -16.64 -26.42
N PHE B 291 -5.55 -17.68 -25.61
CA PHE B 291 -4.43 -17.88 -24.67
C PHE B 291 -3.11 -18.13 -25.40
N GLU B 292 -3.08 -19.08 -26.34
CA GLU B 292 -1.86 -19.34 -27.08
C GLU B 292 -1.33 -18.08 -27.75
N ALA B 293 -2.20 -17.31 -28.39
CA ALA B 293 -1.73 -16.12 -29.13
C ALA B 293 -1.06 -15.14 -28.16
N PHE B 294 -1.67 -14.94 -27.00
CA PHE B 294 -1.10 -14.05 -25.99
C PHE B 294 0.30 -14.51 -25.54
N CYS B 295 0.44 -15.81 -25.30
CA CYS B 295 1.67 -16.37 -24.77
C CYS B 295 2.77 -16.56 -25.79
N SER B 296 2.39 -16.83 -27.05
CA SER B 296 3.29 -17.47 -28.00
C SER B 296 3.31 -16.94 -29.43
N VAL B 297 2.44 -15.99 -29.74
CA VAL B 297 2.30 -15.52 -31.13
C VAL B 297 2.31 -13.99 -31.27
N ASN B 298 1.58 -13.28 -30.41
CA ASN B 298 1.42 -11.84 -30.57
C ASN B 298 2.74 -11.08 -30.39
N GLY B 299 3.53 -11.50 -29.40
CA GLY B 299 4.82 -10.86 -29.15
C GLY B 299 5.77 -11.06 -30.33
N PRO B 300 5.98 -12.32 -30.76
CA PRO B 300 6.79 -12.53 -31.96
C PRO B 300 6.33 -11.69 -33.15
N GLN B 301 5.02 -11.61 -33.37
CA GLN B 301 4.49 -10.82 -34.47
C GLN B 301 4.90 -9.33 -34.35
N PHE B 302 4.79 -8.77 -33.15
CA PHE B 302 5.10 -7.37 -32.99
C PHE B 302 6.59 -7.10 -33.18
N TYR B 303 7.41 -7.99 -32.64
CA TYR B 303 8.85 -7.86 -32.72
C TYR B 303 9.44 -8.30 -34.06
N GLY B 304 8.64 -8.93 -34.92
CA GLY B 304 9.14 -9.39 -36.22
C GLY B 304 10.07 -10.61 -36.10
N LEU B 305 9.79 -11.48 -35.12
CA LEU B 305 10.59 -12.67 -34.84
C LEU B 305 9.73 -13.91 -35.06
N PRO B 306 10.37 -15.03 -35.41
CA PRO B 306 9.58 -16.23 -35.66
C PRO B 306 8.91 -16.73 -34.38
N VAL B 307 7.79 -17.43 -34.52
CA VAL B 307 7.20 -18.15 -33.40
C VAL B 307 8.04 -19.39 -33.08
N ASN B 308 7.96 -19.86 -31.85
CA ASN B 308 8.67 -21.05 -31.43
C ASN B 308 8.14 -22.29 -32.15
N ASP B 309 9.01 -23.27 -32.36
CA ASP B 309 8.64 -24.48 -33.11
C ASP B 309 8.45 -25.72 -32.23
N THR B 310 8.38 -25.51 -30.92
CA THR B 310 8.07 -26.57 -29.98
C THR B 310 6.80 -26.22 -29.20
N PHE B 311 6.29 -27.20 -28.46
CA PHE B 311 4.98 -27.17 -27.81
C PHE B 311 5.09 -27.73 -26.40
N ILE B 312 4.30 -27.16 -25.50
CA ILE B 312 4.21 -27.62 -24.12
C ILE B 312 2.74 -27.83 -23.76
N GLU B 313 2.51 -28.53 -22.66
CA GLU B 313 1.16 -28.82 -22.20
C GLU B 313 0.97 -28.29 -20.80
N LEU B 314 -0.21 -27.73 -20.57
CA LEU B 314 -0.67 -27.40 -19.23
C LEU B 314 -1.81 -28.33 -18.87
N VAL B 315 -1.87 -28.72 -17.61
CA VAL B 315 -2.91 -29.60 -17.09
CA VAL B 315 -2.94 -29.58 -17.13
C VAL B 315 -3.62 -28.90 -15.94
N ARG B 316 -4.94 -29.04 -15.87
CA ARG B 316 -5.72 -28.40 -14.82
C ARG B 316 -5.70 -29.25 -13.54
N GLU B 317 -4.52 -29.32 -12.95
CA GLU B 317 -4.27 -29.98 -11.68
C GLU B 317 -3.55 -28.98 -10.78
N GLU B 318 -4.01 -28.86 -9.55
CA GLU B 318 -3.54 -27.81 -8.64
C GLU B 318 -2.04 -27.92 -8.44
N GLN B 319 -1.33 -26.81 -8.59
CA GLN B 319 0.07 -26.75 -8.24
C GLN B 319 0.28 -26.03 -6.92
N GLN B 320 1.07 -26.63 -6.03
CA GLN B 320 1.32 -26.07 -4.71
C GLN B 320 2.57 -25.21 -4.72
N VAL B 321 2.42 -23.92 -4.42
CA VAL B 321 3.53 -23.01 -4.58
C VAL B 321 4.40 -23.04 -3.33
N ALA B 322 5.71 -23.18 -3.54
CA ALA B 322 6.67 -23.18 -2.44
C ALA B 322 6.56 -21.94 -1.58
N GLU B 323 6.82 -22.10 -0.29
CA GLU B 323 6.84 -20.99 0.65
C GLU B 323 8.06 -20.11 0.44
N SER B 324 9.16 -20.72 0.03
CA SER B 324 10.40 -20.01 -0.19
C SER B 324 11.36 -20.79 -1.07
N ILE B 325 12.27 -20.04 -1.66
CA ILE B 325 13.33 -20.55 -2.50
C ILE B 325 14.66 -20.11 -1.91
N ALA B 326 15.60 -21.05 -1.76
CA ALA B 326 16.85 -20.75 -1.10
C ALA B 326 17.70 -19.84 -1.95
N LEU B 327 18.34 -18.87 -1.30
CA LEU B 327 19.42 -18.09 -1.88
C LEU B 327 20.70 -18.38 -1.10
N THR B 328 21.82 -17.87 -1.59
CA THR B 328 23.09 -17.96 -0.87
C THR B 328 22.97 -17.29 0.51
N ASP B 329 22.24 -16.18 0.57
CA ASP B 329 21.96 -15.45 1.82
C ASP B 329 20.50 -15.03 1.73
N ASP B 330 19.74 -15.32 2.78
CA ASP B 330 18.30 -15.04 2.82
C ASP B 330 17.57 -16.04 1.90
N THR B 331 16.28 -15.82 1.73
CA THR B 331 15.45 -16.63 0.85
C THR B 331 14.73 -15.68 -0.11
N LEU B 332 14.13 -16.28 -1.12
CA LEU B 332 13.32 -15.61 -2.12
C LEU B 332 11.90 -16.15 -1.97
N VAL B 333 10.94 -15.24 -1.79
CA VAL B 333 9.55 -15.61 -1.63
C VAL B 333 8.84 -15.50 -2.96
N PRO B 334 8.42 -16.62 -3.50
CA PRO B 334 7.68 -16.54 -4.76
C PRO B 334 6.34 -15.85 -4.59
N PHE B 335 5.96 -15.13 -5.61
CA PHE B 335 4.60 -14.66 -5.73
C PHE B 335 3.67 -15.87 -5.55
N LEU B 336 2.61 -15.68 -4.77
CA LEU B 336 1.64 -16.74 -4.43
C LEU B 336 2.21 -17.84 -3.55
N ALA B 337 3.26 -17.54 -2.80
CA ALA B 337 3.88 -18.50 -1.88
C ALA B 337 2.85 -19.17 -0.99
N GLY B 338 2.91 -20.49 -0.93
CA GLY B 338 1.99 -21.28 -0.10
C GLY B 338 0.56 -21.38 -0.59
N GLU B 339 0.26 -20.77 -1.74
CA GLU B 339 -1.07 -20.85 -2.33
C GLU B 339 -1.12 -21.95 -3.39
N THR B 340 -2.24 -22.03 -4.07
CA THR B 340 -2.40 -22.99 -5.17
C THR B 340 -2.62 -22.26 -6.49
N VAL B 341 -2.02 -22.78 -7.56
CA VAL B 341 -2.29 -22.36 -8.93
C VAL B 341 -3.05 -23.51 -9.61
N ARG B 342 -4.11 -23.17 -10.33
CA ARG B 342 -5.07 -24.14 -10.86
C ARG B 342 -4.53 -24.97 -12.03
N TRP B 343 -3.60 -24.40 -12.78
CA TRP B 343 -3.02 -25.02 -13.96
C TRP B 343 -1.53 -25.24 -13.75
N SER B 344 -1.06 -26.41 -14.17
CA SER B 344 0.33 -26.83 -14.01
C SER B 344 0.95 -27.18 -15.37
N VAL B 345 2.26 -27.00 -15.51
CA VAL B 345 2.95 -27.42 -16.73
C VAL B 345 3.22 -28.93 -16.68
N LYS B 346 2.82 -29.64 -17.73
CA LYS B 346 2.94 -31.10 -17.80
C LYS B 346 4.37 -31.51 -18.14
ZN ZN C . -10.00 2.36 14.38
ZN ZN D . -7.93 2.59 17.14
O2 DOR E . -4.32 0.79 12.23
C2 DOR E . -5.09 0.47 13.13
N1 DOR E . -4.66 -0.25 14.14
N3 DOR E . -6.39 0.73 13.06
C4 DOR E . -7.33 -0.01 13.70
O4 DOR E . -8.52 0.08 13.44
C5 DOR E . -6.89 -0.89 14.86
C6 DOR E . -5.50 -0.50 15.31
C7 DOR E . -4.89 -1.56 16.18
O72 DOR E . -5.46 -1.80 17.26
O71 DOR E . -3.85 -2.15 15.77
C1 MLI F . -9.09 7.29 -6.70
C2 MLI F . -8.89 7.36 -5.14
C3 MLI F . -8.19 6.16 -7.33
O6 MLI F . -8.78 8.45 -4.46
O7 MLI F . -8.74 6.27 -4.56
O8 MLI F . -6.98 6.13 -7.02
O9 MLI F . -8.66 5.29 -8.16
ZN ZN G . 8.73 -1.15 -15.28
ZN ZN H . 10.24 -4.42 -15.35
C6 NCD I . 10.89 -3.76 -11.47
C61 NCD I . 12.23 -4.25 -10.96
O61 NCD I . 13.18 -4.36 -11.75
O62 NCD I . 12.36 -4.53 -9.73
N1 NCD I . 10.04 -3.48 -10.32
C2 NCD I . 8.73 -3.37 -10.37
O2 NCD I . 8.15 -3.04 -9.34
N3 NCD I . 8.04 -3.59 -11.50
C5 NCD I . 11.04 -2.46 -12.27
C4 NCD I . 10.01 -2.22 -13.35
O4 NCD I . 9.55 -3.17 -14.03
O5 NCD I . 9.72 -1.05 -13.60
O2 DOR J . 8.05 -3.64 -9.53
C2 DOR J . 8.98 -3.38 -10.27
N1 DOR J . 10.14 -3.99 -10.07
N3 DOR J . 8.86 -2.50 -11.28
C4 DOR J . 9.92 -1.87 -11.82
O4 DOR J . 9.81 -0.89 -12.55
C5 DOR J . 11.30 -2.38 -11.52
C6 DOR J . 11.21 -3.83 -11.04
C7 DOR J . 12.54 -4.22 -10.49
O72 DOR J . 13.50 -4.24 -11.28
O71 DOR J . 12.62 -4.52 -9.26
#